data_2C1T
#
_entry.id   2C1T
#
_cell.length_a   129.813
_cell.length_b   140.076
_cell.length_c   63.990
_cell.angle_alpha   90.00
_cell.angle_beta   90.00
_cell.angle_gamma   90.00
#
_symmetry.space_group_name_H-M   'P 21 21 2'
#
loop_
_entity.id
_entity.type
_entity.pdbx_description
1 polymer 'IMPORTIN ALPHA SUBUNIT'
2 polymer 'NUCLEOPORIN NUP2'
3 water water
#
loop_
_entity_poly.entity_id
_entity_poly.type
_entity_poly.pdbx_seq_one_letter_code
_entity_poly.pdbx_strand_id
1 'polypeptide(L)'
;ELPQMTQQLNSDDMQEQLSATVKFRQILSREHRPPIDVVIQAGVVPRLVEFMRENQPEMLQLEAAWALTNIASGTSAQTK
VVVDADAVPLFIQLLYTGSVEVKEQAIWALGNVAGDSTDYRDYVLQCNAMEPILGLFNSNKPSLIRTATWTLSNLCRGKK
PQPDWSVVSQALPTLAKLIYSMDTETLVDACWAISYLSDGPQEAIQAVIDVRIPKRLVELLSHESTLVQTPALRAVGNIV
TGNDLQTQVVINAGVLPALRLLLSSPKENIKKEACWTISNITAGNTEQIQAVIDANLIPPLVKLLEVAEDKTKKEACWAI
SNASSGGLQRPDIIRYLVSQGCIKPLCDLLEIADNRIIEVTLDALENILKMGEADKEARGLNINENADFIEKAGGMEKIF
NCQQNENDKIYEKAYKIIETYFGEEEDAVDETMAPQNAGNTFGFGSNVNQQFNF
;
A,B
2 'polypeptide(L)' MAKRVADAQIQRETYDSNESDDDVTPSTKVASSAVMNRRKIAMPKRRMAFK C,D
#
# COMPACT_ATOMS: atom_id res chain seq x y z
N GLU A 1 -31.96 11.60 7.98
CA GLU A 1 -32.55 10.57 8.88
C GLU A 1 -31.63 9.89 9.91
N LEU A 2 -30.45 10.44 10.17
CA LEU A 2 -29.42 9.74 10.94
C LEU A 2 -29.23 10.08 12.43
N PRO A 3 -29.17 11.35 12.85
CA PRO A 3 -29.08 11.63 14.29
C PRO A 3 -30.25 11.03 15.07
N GLN A 4 -31.39 10.87 14.39
CA GLN A 4 -32.55 10.11 14.87
C GLN A 4 -32.27 8.63 15.15
N MET A 5 -31.71 7.94 14.16
CA MET A 5 -31.30 6.54 14.33
C MET A 5 -30.34 6.37 15.50
N THR A 6 -29.39 7.28 15.68
CA THR A 6 -28.48 7.21 16.82
C THR A 6 -29.20 7.15 18.17
N GLN A 7 -30.33 7.85 18.27
CA GLN A 7 -31.18 7.90 19.49
C GLN A 7 -32.11 6.67 19.64
N GLN A 8 -32.58 6.12 18.53
CA GLN A 8 -33.41 4.92 18.52
C GLN A 8 -32.60 3.68 18.91
N LEU A 9 -31.28 3.78 18.70
CA LEU A 9 -30.36 2.73 19.07
C LEU A 9 -30.04 2.87 20.57
N ASN A 10 -30.15 4.07 21.11
CA ASN A 10 -29.81 4.26 22.52
C ASN A 10 -30.99 4.01 23.48
N SER A 11 -32.18 3.84 22.93
CA SER A 11 -33.40 3.54 23.70
C SER A 11 -33.22 2.23 24.46
N ASP A 12 -33.65 2.20 25.72
CA ASP A 12 -33.52 1.00 26.56
C ASP A 12 -34.54 -0.09 26.22
N ASP A 13 -35.58 0.27 25.46
CA ASP A 13 -36.54 -0.68 24.88
C ASP A 13 -35.81 -1.61 23.90
N MET A 14 -35.94 -2.92 24.11
CA MET A 14 -35.35 -3.94 23.23
C MET A 14 -35.96 -3.94 21.82
N GLN A 15 -37.25 -3.61 21.74
CA GLN A 15 -37.98 -3.59 20.48
C GLN A 15 -37.41 -2.56 19.50
N GLU A 16 -37.01 -1.40 20.01
CA GLU A 16 -36.49 -0.30 19.18
C GLU A 16 -34.99 -0.44 18.93
N GLN A 17 -34.25 -0.87 19.96
CA GLN A 17 -32.86 -1.26 19.81
C GLN A 17 -32.63 -2.11 18.57
N LEU A 18 -33.54 -3.06 18.31
CA LEU A 18 -33.48 -3.90 17.12
C LEU A 18 -33.77 -3.07 15.89
N SER A 19 -34.93 -2.43 15.85
CA SER A 19 -35.37 -1.73 14.66
C SER A 19 -34.26 -0.82 14.14
N ALA A 20 -33.55 -0.16 15.05
CA ALA A 20 -32.44 0.73 14.74
C ALA A 20 -31.23 -0.02 14.18
N THR A 21 -30.82 -1.07 14.90
CA THR A 21 -29.70 -1.88 14.44
C THR A 21 -29.97 -2.38 13.04
N VAL A 22 -31.23 -2.62 12.71
CA VAL A 22 -31.57 -3.18 11.41
C VAL A 22 -31.42 -2.13 10.32
N LYS A 23 -31.67 -0.88 10.68
CA LYS A 23 -31.61 0.20 9.70
C LYS A 23 -30.14 0.54 9.43
N PHE A 24 -29.31 0.54 10.48
CA PHE A 24 -27.87 0.68 10.37
C PHE A 24 -27.26 -0.37 9.44
N ARG A 25 -27.50 -1.63 9.74
CA ARG A 25 -27.06 -2.71 8.87
C ARG A 25 -27.45 -2.52 7.42
N GLN A 26 -28.62 -1.96 7.17
CA GLN A 26 -29.09 -1.85 5.78
C GLN A 26 -28.32 -0.80 4.99
N ILE A 27 -28.08 0.37 5.59
CA ILE A 27 -27.43 1.46 4.87
C ILE A 27 -25.95 1.10 4.70
N LEU A 28 -25.39 0.46 5.73
CA LEU A 28 -24.06 -0.12 5.69
C LEU A 28 -23.89 -1.20 4.63
N SER A 29 -24.96 -1.64 3.99
CA SER A 29 -24.86 -2.65 2.95
C SER A 29 -24.92 -2.13 1.54
N ARG A 30 -25.35 -0.88 1.35
CA ARG A 30 -25.38 -0.27 0.03
C ARG A 30 -24.08 -0.64 -0.72
N GLU A 31 -24.24 -1.13 -1.95
CA GLU A 31 -23.11 -1.58 -2.73
C GLU A 31 -22.23 -0.39 -3.09
N HIS A 32 -22.86 0.75 -3.35
CA HIS A 32 -22.19 1.97 -3.84
C HIS A 32 -21.96 3.03 -2.78
N ARG A 33 -20.70 3.16 -2.37
CA ARG A 33 -20.24 4.24 -1.49
C ARG A 33 -20.90 4.03 -0.16
N PRO A 34 -20.73 2.86 0.47
CA PRO A 34 -21.31 2.62 1.80
C PRO A 34 -21.00 3.77 2.76
N PRO A 35 -21.92 4.12 3.65
CA PRO A 35 -21.73 5.19 4.65
C PRO A 35 -20.99 4.76 5.93
N ILE A 36 -19.90 4.04 5.72
CA ILE A 36 -19.15 3.52 6.86
C ILE A 36 -18.56 4.67 7.67
N ASP A 37 -17.96 5.68 7.04
CA ASP A 37 -17.44 6.87 7.75
C ASP A 37 -18.48 7.61 8.63
N VAL A 38 -19.64 7.94 8.06
CA VAL A 38 -20.71 8.68 8.73
C VAL A 38 -21.26 7.91 9.92
N VAL A 39 -21.53 6.63 9.70
CA VAL A 39 -22.02 5.77 10.78
C VAL A 39 -20.98 5.65 11.88
N ILE A 40 -19.71 5.52 11.53
CA ILE A 40 -18.67 5.53 12.56
C ILE A 40 -18.64 6.84 13.30
N GLN A 41 -18.79 7.95 12.59
CA GLN A 41 -18.62 9.25 13.27
C GLN A 41 -19.80 9.67 14.09
N ALA A 42 -20.94 9.00 13.93
CA ALA A 42 -22.09 9.18 14.82
C ALA A 42 -21.88 8.47 16.17
N GLY A 43 -20.70 7.94 16.44
CA GLY A 43 -20.40 7.32 17.72
C GLY A 43 -20.98 5.94 18.08
N VAL A 44 -21.69 5.30 17.16
CA VAL A 44 -22.50 4.10 17.47
C VAL A 44 -21.80 2.73 17.46
N VAL A 45 -20.53 2.66 17.08
CA VAL A 45 -19.82 1.37 17.09
C VAL A 45 -19.84 0.77 18.50
N PRO A 46 -19.32 1.44 19.54
CA PRO A 46 -19.28 0.84 20.89
C PRO A 46 -20.64 0.38 21.40
N ARG A 47 -21.69 1.02 20.89
CA ARG A 47 -23.05 0.59 21.15
C ARG A 47 -23.40 -0.70 20.43
N LEU A 48 -23.06 -0.81 19.15
CA LEU A 48 -23.20 -2.07 18.41
C LEU A 48 -22.35 -3.22 18.99
N VAL A 49 -21.23 -2.88 19.62
CA VAL A 49 -20.34 -3.88 20.21
C VAL A 49 -20.98 -4.52 21.43
N GLU A 50 -21.62 -3.69 22.26
CA GLU A 50 -22.48 -4.13 23.36
C GLU A 50 -23.59 -5.11 22.91
N PHE A 51 -24.20 -4.87 21.76
CA PHE A 51 -25.28 -5.71 21.25
C PHE A 51 -24.86 -7.12 20.81
N MET A 52 -23.57 -7.42 20.93
CA MET A 52 -23.01 -8.70 20.52
C MET A 52 -22.65 -9.59 21.71
N ARG A 53 -22.96 -9.14 22.92
CA ARG A 53 -22.64 -9.89 24.13
C ARG A 53 -23.54 -11.12 24.35
N GLU A 54 -23.13 -12.00 25.27
CA GLU A 54 -23.87 -13.23 25.60
C GLU A 54 -25.29 -12.90 26.04
N ASN A 55 -25.40 -11.80 26.78
CA ASN A 55 -26.68 -11.35 27.36
C ASN A 55 -27.66 -10.58 26.47
N GLN A 56 -27.79 -11.04 25.22
CA GLN A 56 -28.55 -10.32 24.21
C GLN A 56 -29.29 -11.30 23.28
N PRO A 57 -30.42 -10.88 22.73
CA PRO A 57 -31.18 -11.70 21.78
C PRO A 57 -30.33 -12.33 20.67
N GLU A 58 -30.77 -13.47 20.15
CA GLU A 58 -30.11 -14.11 19.04
C GLU A 58 -30.27 -13.25 17.78
N MET A 59 -31.38 -12.54 17.67
CA MET A 59 -31.65 -11.73 16.46
C MET A 59 -30.98 -10.37 16.46
N LEU A 60 -30.60 -9.89 17.64
CA LEU A 60 -29.97 -8.57 17.82
C LEU A 60 -28.46 -8.72 17.71
N GLN A 61 -27.91 -9.70 18.42
CA GLN A 61 -26.54 -10.17 18.20
C GLN A 61 -26.18 -10.32 16.73
N LEU A 62 -27.07 -10.92 15.96
CA LEU A 62 -26.82 -11.13 14.53
C LEU A 62 -26.69 -9.75 13.87
N GLU A 63 -27.70 -8.90 14.03
CA GLU A 63 -27.74 -7.65 13.28
C GLU A 63 -26.61 -6.69 13.67
N ALA A 64 -26.16 -6.75 14.91
CA ALA A 64 -25.10 -5.85 15.38
C ALA A 64 -23.79 -6.32 14.77
N ALA A 65 -23.65 -7.64 14.68
CA ALA A 65 -22.44 -8.23 14.19
C ALA A 65 -22.30 -8.05 12.67
N TRP A 66 -23.42 -8.15 11.95
CA TRP A 66 -23.49 -7.95 10.50
C TRP A 66 -23.20 -6.49 10.12
N ALA A 67 -23.73 -5.56 10.90
CA ALA A 67 -23.44 -4.13 10.75
C ALA A 67 -21.97 -3.85 11.00
N LEU A 68 -21.44 -4.37 12.09
CA LEU A 68 -20.04 -4.16 12.41
C LEU A 68 -19.12 -4.78 11.37
N THR A 69 -19.59 -5.81 10.68
CA THR A 69 -18.74 -6.60 9.82
C THR A 69 -18.58 -5.83 8.51
N ASN A 70 -19.69 -5.22 8.09
CA ASN A 70 -19.71 -4.27 6.99
C ASN A 70 -18.74 -3.11 7.21
N ILE A 71 -18.55 -2.72 8.46
CA ILE A 71 -17.59 -1.69 8.86
C ILE A 71 -16.18 -2.22 8.77
N ALA A 72 -15.99 -3.39 9.37
CA ALA A 72 -14.67 -4.02 9.47
C ALA A 72 -14.14 -4.51 8.12
N SER A 73 -15.03 -4.57 7.12
CA SER A 73 -14.62 -5.00 5.81
C SER A 73 -14.45 -3.79 4.86
N GLY A 74 -14.29 -2.61 5.43
CA GLY A 74 -13.99 -1.44 4.62
C GLY A 74 -12.49 -1.19 4.64
N THR A 75 -12.13 0.05 4.97
CA THR A 75 -10.74 0.50 4.89
C THR A 75 -10.03 0.11 6.16
N SER A 76 -8.71 0.02 6.03
CA SER A 76 -7.85 -0.22 7.16
C SER A 76 -8.22 0.60 8.41
N ALA A 77 -8.67 1.85 8.23
CA ALA A 77 -9.03 2.72 9.38
C ALA A 77 -10.40 2.44 9.97
N GLN A 78 -11.33 2.00 9.12
CA GLN A 78 -12.67 1.57 9.52
C GLN A 78 -12.66 0.18 10.19
N THR A 79 -11.65 -0.62 9.86
CA THR A 79 -11.40 -1.90 10.50
C THR A 79 -10.84 -1.60 11.85
N LYS A 80 -9.94 -0.63 11.89
CA LYS A 80 -9.27 -0.21 13.11
C LYS A 80 -10.29 0.25 14.10
N VAL A 81 -11.35 0.93 13.66
CA VAL A 81 -12.29 1.45 14.63
C VAL A 81 -12.87 0.27 15.37
N VAL A 82 -13.32 -0.74 14.62
CA VAL A 82 -13.96 -1.95 15.17
C VAL A 82 -13.04 -2.75 16.09
N VAL A 83 -11.75 -2.75 15.79
CA VAL A 83 -10.80 -3.45 16.64
C VAL A 83 -10.62 -2.65 17.91
N ASP A 84 -10.52 -1.32 17.82
CA ASP A 84 -10.29 -0.46 18.97
C ASP A 84 -11.50 -0.50 19.92
N ALA A 85 -12.66 -0.90 19.43
CA ALA A 85 -13.86 -1.02 20.25
C ALA A 85 -13.96 -2.37 20.96
N ASP A 86 -12.85 -3.09 20.96
CA ASP A 86 -12.77 -4.45 21.50
C ASP A 86 -13.86 -5.38 20.93
N ALA A 87 -13.92 -5.49 19.61
CA ALA A 87 -14.97 -6.31 18.98
C ALA A 87 -14.55 -7.75 18.73
N VAL A 88 -13.23 -8.01 18.81
CA VAL A 88 -12.71 -9.29 18.35
C VAL A 88 -13.09 -10.44 19.30
N PRO A 89 -12.80 -10.30 20.59
CA PRO A 89 -13.20 -11.33 21.56
C PRO A 89 -14.67 -11.74 21.50
N LEU A 90 -15.56 -10.82 21.12
CA LEU A 90 -17.00 -11.12 21.05
C LEU A 90 -17.37 -11.73 19.71
N PHE A 91 -16.58 -11.40 18.69
CA PHE A 91 -16.69 -12.09 17.42
C PHE A 91 -16.28 -13.52 17.65
N ILE A 92 -15.18 -13.70 18.39
CA ILE A 92 -14.63 -15.03 18.65
C ILE A 92 -15.56 -15.89 19.49
N GLN A 93 -16.11 -15.33 20.55
CA GLN A 93 -17.01 -16.09 21.41
C GLN A 93 -18.36 -16.31 20.72
N LEU A 94 -18.71 -15.52 19.71
CA LEU A 94 -19.87 -15.86 18.88
C LEU A 94 -19.64 -17.05 17.94
N LEU A 95 -18.40 -17.53 17.79
CA LEU A 95 -18.13 -18.68 16.92
C LEU A 95 -18.56 -19.98 17.60
N TYR A 96 -18.42 -20.02 18.93
CA TYR A 96 -18.97 -21.07 19.80
C TYR A 96 -20.50 -21.00 19.83
N THR A 97 -21.03 -19.90 20.36
CA THR A 97 -22.45 -19.82 20.69
C THR A 97 -23.34 -19.72 19.46
N GLY A 98 -23.11 -18.71 18.63
CA GLY A 98 -24.12 -18.23 17.69
C GLY A 98 -24.64 -19.28 16.74
N SER A 99 -25.77 -19.00 16.09
CA SER A 99 -26.26 -19.88 15.01
C SER A 99 -25.28 -19.84 13.84
N VAL A 100 -25.65 -20.45 12.71
CA VAL A 100 -24.76 -20.54 11.55
C VAL A 100 -24.66 -19.25 10.73
N GLU A 101 -25.76 -18.50 10.64
CA GLU A 101 -25.74 -17.19 9.97
C GLU A 101 -24.72 -16.31 10.70
N VAL A 102 -24.81 -16.32 12.02
CA VAL A 102 -23.95 -15.54 12.91
C VAL A 102 -22.49 -15.94 12.80
N LYS A 103 -22.27 -17.24 12.68
CA LYS A 103 -20.91 -17.77 12.66
C LYS A 103 -20.21 -17.28 11.40
N GLU A 104 -21.00 -17.22 10.32
CA GLU A 104 -20.48 -16.82 9.03
C GLU A 104 -20.10 -15.34 9.05
N GLN A 105 -20.86 -14.53 9.80
CA GLN A 105 -20.54 -13.11 9.89
C GLN A 105 -19.23 -12.95 10.67
N ALA A 106 -19.20 -13.50 11.87
CA ALA A 106 -18.03 -13.32 12.70
C ALA A 106 -16.78 -13.85 12.04
N ILE A 107 -16.88 -14.99 11.35
CA ILE A 107 -15.65 -15.56 10.79
C ILE A 107 -15.10 -14.63 9.69
N TRP A 108 -15.98 -14.11 8.82
CA TRP A 108 -15.67 -13.04 7.83
C TRP A 108 -15.06 -11.81 8.52
N ALA A 109 -15.66 -11.37 9.61
CA ALA A 109 -15.14 -10.19 10.27
C ALA A 109 -13.69 -10.42 10.64
N LEU A 110 -13.43 -11.59 11.21
CA LEU A 110 -12.14 -11.88 11.84
C LEU A 110 -11.10 -12.10 10.76
N GLY A 111 -11.59 -12.53 9.60
CA GLY A 111 -10.78 -12.64 8.42
C GLY A 111 -10.27 -11.30 7.90
N ASN A 112 -11.17 -10.33 7.85
CA ASN A 112 -10.86 -8.97 7.42
C ASN A 112 -9.93 -8.33 8.44
N VAL A 113 -10.17 -8.60 9.72
CA VAL A 113 -9.32 -8.05 10.76
C VAL A 113 -7.96 -8.68 10.73
N ALA A 114 -7.94 -9.99 10.56
CA ALA A 114 -6.68 -10.71 10.53
C ALA A 114 -5.87 -10.36 9.30
N GLY A 115 -6.54 -9.94 8.23
CA GLY A 115 -5.87 -9.59 6.99
C GLY A 115 -5.32 -8.18 6.90
N ASP A 116 -5.67 -7.29 7.83
CA ASP A 116 -5.18 -5.90 7.76
C ASP A 116 -3.67 -5.73 7.90
N SER A 117 -3.05 -6.48 8.79
CA SER A 117 -1.60 -6.38 9.03
C SER A 117 -1.08 -7.56 9.83
N THR A 118 0.23 -7.68 10.00
CA THR A 118 0.75 -8.76 10.86
C THR A 118 0.42 -8.53 12.33
N ASP A 119 0.13 -7.29 12.71
CA ASP A 119 -0.21 -7.00 14.09
C ASP A 119 -1.58 -7.56 14.42
N TYR A 120 -2.56 -7.20 13.61
CA TYR A 120 -3.94 -7.64 13.84
C TYR A 120 -4.08 -9.17 13.72
N ARG A 121 -3.27 -9.76 12.85
CA ARG A 121 -3.17 -11.20 12.71
C ARG A 121 -2.72 -11.87 14.02
N ASP A 122 -1.55 -11.48 14.50
CA ASP A 122 -1.09 -11.95 15.82
C ASP A 122 -2.18 -11.72 16.89
N TYR A 123 -2.82 -10.56 16.89
CA TYR A 123 -3.80 -10.22 17.93
C TYR A 123 -4.99 -11.17 17.90
N VAL A 124 -5.45 -11.54 16.71
CA VAL A 124 -6.57 -12.47 16.64
C VAL A 124 -6.20 -13.83 17.25
N LEU A 125 -4.96 -14.23 16.99
CA LEU A 125 -4.43 -15.47 17.49
C LEU A 125 -4.27 -15.41 19.01
N GLN A 126 -3.68 -14.33 19.52
CA GLN A 126 -3.57 -14.14 20.96
C GLN A 126 -4.93 -14.29 21.65
N CYS A 127 -5.99 -13.75 21.05
CA CYS A 127 -7.34 -13.91 21.60
C CYS A 127 -7.90 -15.34 21.50
N ASN A 128 -7.03 -16.33 21.28
CA ASN A 128 -7.45 -17.74 21.16
C ASN A 128 -8.62 -17.92 20.20
N ALA A 129 -8.40 -17.51 18.95
CA ALA A 129 -9.40 -17.73 17.92
C ALA A 129 -9.23 -19.08 17.24
N MET A 130 -7.98 -19.58 17.16
CA MET A 130 -7.73 -20.80 16.39
C MET A 130 -8.70 -21.92 16.74
N GLU A 131 -8.86 -22.17 18.03
CA GLU A 131 -9.67 -23.27 18.56
C GLU A 131 -11.09 -23.26 18.01
N PRO A 132 -11.86 -22.19 18.20
CA PRO A 132 -13.23 -22.17 17.65
C PRO A 132 -13.28 -22.25 16.13
N ILE A 133 -12.33 -21.63 15.44
CA ILE A 133 -12.35 -21.56 13.97
C ILE A 133 -12.32 -22.99 13.42
N LEU A 134 -11.41 -23.80 13.96
CA LEU A 134 -11.29 -25.22 13.57
C LEU A 134 -12.62 -25.97 13.78
N GLY A 135 -13.28 -25.67 14.91
CA GLY A 135 -14.63 -26.14 15.19
C GLY A 135 -15.70 -25.88 14.14
N LEU A 136 -15.42 -24.98 13.23
CA LEU A 136 -16.37 -24.67 12.17
C LEU A 136 -16.33 -25.64 11.00
N PHE A 137 -15.18 -26.27 10.80
CA PHE A 137 -14.99 -27.19 9.68
C PHE A 137 -15.66 -28.56 9.86
N ASN A 138 -16.47 -28.71 10.91
CA ASN A 138 -17.44 -29.78 10.98
C ASN A 138 -18.76 -29.43 10.26
N SER A 139 -19.05 -28.15 10.08
CA SER A 139 -20.43 -27.73 9.83
C SER A 139 -21.12 -28.36 8.61
N ASN A 140 -20.34 -28.78 7.60
CA ASN A 140 -20.89 -29.33 6.36
C ASN A 140 -21.88 -28.37 5.66
N LYS A 141 -21.63 -27.07 5.81
CA LYS A 141 -22.35 -25.98 5.16
C LYS A 141 -21.38 -25.26 4.22
N PRO A 142 -21.47 -25.45 2.90
CA PRO A 142 -20.37 -25.07 1.99
C PRO A 142 -19.84 -23.65 2.13
N SER A 143 -20.75 -22.68 2.18
CA SER A 143 -20.42 -21.26 2.31
C SER A 143 -19.69 -20.86 3.59
N LEU A 144 -19.91 -21.58 4.68
CA LEU A 144 -19.21 -21.33 5.96
C LEU A 144 -17.82 -21.93 6.01
N ILE A 145 -17.67 -23.09 5.39
CA ILE A 145 -16.36 -23.71 5.28
C ILE A 145 -15.52 -22.82 4.37
N ARG A 146 -16.17 -22.30 3.33
CA ARG A 146 -15.48 -21.46 2.34
C ARG A 146 -14.89 -20.24 3.02
N THR A 147 -15.71 -19.63 3.85
CA THR A 147 -15.33 -18.43 4.55
C THR A 147 -14.28 -18.74 5.63
N ALA A 148 -14.52 -19.79 6.40
CA ALA A 148 -13.59 -20.18 7.46
C ALA A 148 -12.21 -20.41 6.85
N THR A 149 -12.15 -20.98 5.65
CA THR A 149 -10.89 -21.25 4.98
C THR A 149 -10.20 -19.96 4.53
N TRP A 150 -10.98 -19.06 3.97
CA TRP A 150 -10.45 -17.73 3.66
C TRP A 150 -9.78 -17.08 4.89
N THR A 151 -10.51 -16.92 5.98
CA THR A 151 -9.94 -16.42 7.23
C THR A 151 -8.70 -17.18 7.74
N LEU A 152 -8.75 -18.50 7.58
CA LEU A 152 -7.72 -19.34 8.17
C LEU A 152 -6.41 -18.99 7.48
N SER A 153 -6.49 -18.83 6.17
CA SER A 153 -5.31 -18.53 5.36
C SER A 153 -4.69 -17.17 5.70
N ASN A 154 -5.55 -16.20 6.03
CA ASN A 154 -5.08 -14.90 6.49
C ASN A 154 -4.39 -15.01 7.85
N LEU A 155 -4.80 -15.97 8.67
CA LEU A 155 -4.10 -16.22 9.93
C LEU A 155 -2.72 -16.79 9.68
N CYS A 156 -2.52 -17.48 8.56
CA CYS A 156 -1.19 -18.03 8.24
C CYS A 156 -0.24 -17.12 7.49
N ARG A 157 -0.81 -16.07 6.89
CA ARG A 157 -0.11 -15.21 5.94
C ARG A 157 0.89 -14.36 6.68
N GLY A 158 1.94 -14.00 5.96
CA GLY A 158 3.00 -13.15 6.45
C GLY A 158 4.24 -13.81 7.03
N LYS A 159 5.40 -13.39 6.51
CA LYS A 159 6.71 -13.97 6.80
C LYS A 159 7.59 -13.13 7.74
N LYS A 160 7.41 -11.81 7.70
CA LYS A 160 8.14 -10.85 8.52
C LYS A 160 7.20 -10.00 9.38
N PRO A 161 6.87 -10.44 10.59
CA PRO A 161 7.38 -11.71 11.14
C PRO A 161 6.45 -12.87 10.79
N GLN A 162 6.91 -14.13 10.95
CA GLN A 162 6.00 -15.29 10.89
C GLN A 162 4.95 -15.14 11.96
N PRO A 163 3.81 -15.81 11.82
CA PRO A 163 2.91 -15.98 12.96
C PRO A 163 3.48 -17.06 13.89
N ASP A 164 2.86 -17.19 15.05
CA ASP A 164 3.33 -18.13 16.06
C ASP A 164 3.06 -19.58 15.59
N TRP A 165 4.14 -20.25 15.21
CA TRP A 165 4.08 -21.56 14.60
C TRP A 165 3.33 -22.65 15.39
N SER A 166 3.46 -22.61 16.71
CA SER A 166 2.85 -23.62 17.56
C SER A 166 1.32 -23.52 17.54
N VAL A 167 0.78 -22.34 17.22
CA VAL A 167 -0.66 -22.15 17.00
C VAL A 167 -1.18 -22.42 15.58
N VAL A 168 -0.53 -21.88 14.54
CA VAL A 168 -1.09 -21.96 13.18
C VAL A 168 -0.94 -23.35 12.59
N SER A 169 0.19 -24.00 12.88
CA SER A 169 0.43 -25.42 12.59
C SER A 169 -0.65 -26.39 13.09
N GLN A 170 -1.48 -26.03 14.08
CA GLN A 170 -2.60 -26.91 14.46
C GLN A 170 -3.69 -26.99 13.38
N ALA A 171 -3.49 -26.27 12.29
CA ALA A 171 -4.49 -26.22 11.23
C ALA A 171 -4.11 -27.16 10.09
N LEU A 172 -2.87 -27.65 10.08
CA LEU A 172 -2.45 -28.63 9.08
C LEU A 172 -3.41 -29.82 8.89
N PRO A 173 -3.76 -30.56 9.93
CA PRO A 173 -4.72 -31.66 9.75
C PRO A 173 -5.98 -31.25 9.00
N THR A 174 -6.55 -30.09 9.31
CA THR A 174 -7.79 -29.63 8.64
C THR A 174 -7.56 -29.24 7.19
N LEU A 175 -6.52 -28.46 6.95
CA LEU A 175 -6.14 -28.10 5.58
C LEU A 175 -5.94 -29.38 4.75
N ALA A 176 -5.30 -30.41 5.33
CA ALA A 176 -4.93 -31.61 4.57
C ALA A 176 -6.16 -32.23 3.96
N LYS A 177 -7.26 -32.09 4.69
CA LYS A 177 -8.56 -32.53 4.18
C LYS A 177 -9.10 -31.53 3.19
N LEU A 178 -8.92 -30.25 3.46
CA LEU A 178 -9.54 -29.20 2.64
C LEU A 178 -9.06 -29.14 1.20
N ILE A 179 -7.83 -29.59 0.94
CA ILE A 179 -7.26 -29.63 -0.42
C ILE A 179 -7.84 -30.77 -1.23
N TYR A 180 -8.77 -31.50 -0.60
CA TYR A 180 -9.70 -32.42 -1.28
C TYR A 180 -11.10 -31.87 -1.53
N SER A 181 -11.41 -30.66 -1.11
CA SER A 181 -12.72 -30.05 -1.40
C SER A 181 -13.03 -29.87 -2.90
N MET A 182 -14.33 -29.95 -3.23
CA MET A 182 -14.78 -29.78 -4.62
C MET A 182 -15.25 -28.33 -4.86
N ASP A 183 -15.20 -27.51 -3.81
CA ASP A 183 -15.48 -26.09 -3.93
C ASP A 183 -14.22 -25.33 -4.33
N THR A 184 -14.21 -24.78 -5.53
CA THR A 184 -12.97 -24.18 -6.01
C THR A 184 -12.42 -23.14 -5.02
N GLU A 185 -13.27 -22.21 -4.57
CA GLU A 185 -12.75 -21.18 -3.67
C GLU A 185 -12.15 -21.72 -2.39
N THR A 186 -12.72 -22.80 -1.85
CA THR A 186 -12.16 -23.42 -0.65
C THR A 186 -10.75 -23.96 -0.90
N LEU A 187 -10.68 -24.73 -1.97
CA LEU A 187 -9.47 -25.38 -2.43
C LEU A 187 -8.36 -24.35 -2.62
N VAL A 188 -8.72 -23.27 -3.31
CA VAL A 188 -7.77 -22.18 -3.55
C VAL A 188 -7.18 -21.59 -2.27
N ASP A 189 -8.05 -21.34 -1.31
CA ASP A 189 -7.68 -20.65 -0.09
C ASP A 189 -6.95 -21.59 0.82
N ALA A 190 -7.33 -22.88 0.81
CA ALA A 190 -6.57 -23.92 1.53
C ALA A 190 -5.16 -24.04 1.00
N CYS A 191 -4.99 -24.13 -0.32
CA CYS A 191 -3.66 -24.01 -0.94
C CYS A 191 -2.86 -22.76 -0.58
N TRP A 192 -3.49 -21.58 -0.50
CA TRP A 192 -2.75 -20.41 -0.05
C TRP A 192 -2.23 -20.65 1.36
N ALA A 193 -3.08 -21.21 2.23
CA ALA A 193 -2.75 -21.33 3.63
C ALA A 193 -1.57 -22.28 3.76
N ILE A 194 -1.61 -23.35 2.96
CA ILE A 194 -0.46 -24.24 2.94
C ILE A 194 0.81 -23.57 2.42
N SER A 195 0.69 -22.72 1.39
CA SER A 195 1.86 -22.03 0.80
C SER A 195 2.55 -21.11 1.81
N TYR A 196 1.74 -20.54 2.70
CA TYR A 196 2.24 -19.69 3.78
C TYR A 196 2.90 -20.55 4.87
N LEU A 197 2.21 -21.59 5.33
CA LEU A 197 2.75 -22.49 6.35
C LEU A 197 4.04 -23.13 5.88
N SER A 198 4.11 -23.53 4.62
CA SER A 198 5.30 -24.22 4.13
C SER A 198 6.48 -23.27 3.92
N ASP A 199 6.18 -21.99 3.88
CA ASP A 199 7.17 -20.91 3.72
C ASP A 199 7.75 -20.57 5.08
N GLY A 200 8.90 -21.19 5.33
CA GLY A 200 9.48 -21.17 6.65
C GLY A 200 10.68 -22.11 6.79
N PRO A 201 11.04 -22.41 8.04
CA PRO A 201 12.20 -23.25 8.34
C PRO A 201 11.94 -24.73 8.08
N GLN A 202 12.99 -25.55 8.15
CA GLN A 202 12.83 -27.01 7.98
C GLN A 202 11.84 -27.71 8.90
N GLU A 203 11.54 -27.13 10.06
CA GLU A 203 10.55 -27.70 10.97
C GLU A 203 9.14 -27.57 10.37
N ALA A 204 8.92 -26.47 9.69
CA ALA A 204 7.60 -26.19 9.14
C ALA A 204 7.33 -27.05 7.92
N ILE A 205 8.33 -27.13 7.06
CA ILE A 205 8.27 -28.01 5.91
C ILE A 205 7.93 -29.42 6.36
N GLN A 206 8.60 -29.90 7.39
CA GLN A 206 8.41 -31.28 7.80
C GLN A 206 6.97 -31.48 8.31
N ALA A 207 6.42 -30.47 8.96
CA ALA A 207 5.05 -30.58 9.43
C ALA A 207 4.13 -30.86 8.26
N VAL A 208 4.42 -30.19 7.13
CA VAL A 208 3.59 -30.21 5.93
C VAL A 208 3.68 -31.60 5.33
N ILE A 209 4.91 -32.09 5.23
CA ILE A 209 5.17 -33.45 4.80
C ILE A 209 4.53 -34.52 5.68
N ASP A 210 4.53 -34.35 7.01
CA ASP A 210 4.01 -35.39 7.92
C ASP A 210 2.49 -35.57 7.94
N VAL A 211 1.71 -34.53 7.67
CA VAL A 211 0.27 -34.70 7.48
C VAL A 211 -0.08 -35.29 6.11
N ARG A 212 0.89 -35.54 5.24
CA ARG A 212 0.65 -36.10 3.88
C ARG A 212 0.12 -35.13 2.80
N ILE A 213 0.33 -33.84 3.04
CA ILE A 213 -0.11 -32.84 2.09
C ILE A 213 0.51 -33.03 0.69
N PRO A 214 1.83 -33.22 0.60
CA PRO A 214 2.55 -33.12 -0.68
C PRO A 214 2.07 -34.03 -1.81
N LYS A 215 1.47 -35.16 -1.49
CA LYS A 215 0.88 -36.01 -2.52
C LYS A 215 -0.23 -35.25 -3.23
N ARG A 216 -1.12 -34.68 -2.43
CA ARG A 216 -2.28 -33.98 -3.00
C ARG A 216 -1.91 -32.70 -3.74
N LEU A 217 -0.94 -31.95 -3.21
CA LEU A 217 -0.51 -30.73 -3.87
C LEU A 217 -0.01 -31.06 -5.23
N VAL A 218 0.77 -32.12 -5.38
CA VAL A 218 1.34 -32.50 -6.68
C VAL A 218 0.23 -32.80 -7.69
N GLU A 219 -0.86 -33.40 -7.21
CA GLU A 219 -2.05 -33.69 -8.01
C GLU A 219 -2.72 -32.41 -8.48
N LEU A 220 -2.76 -31.44 -7.59
CA LEU A 220 -3.31 -30.13 -7.87
C LEU A 220 -2.47 -29.23 -8.80
N LEU A 221 -1.21 -29.52 -9.03
CA LEU A 221 -0.46 -28.77 -10.05
C LEU A 221 -1.06 -28.91 -11.44
N SER A 222 -1.92 -29.91 -11.70
CA SER A 222 -2.52 -30.07 -13.04
C SER A 222 -3.98 -29.72 -13.05
N HIS A 223 -4.43 -29.00 -12.01
CA HIS A 223 -5.82 -28.53 -11.95
C HIS A 223 -6.07 -27.57 -13.12
N GLU A 224 -7.33 -27.46 -13.54
CA GLU A 224 -7.68 -26.60 -14.68
C GLU A 224 -7.47 -25.11 -14.38
N SER A 225 -7.65 -24.71 -13.12
CA SER A 225 -7.55 -23.33 -12.69
C SER A 225 -6.13 -22.93 -12.24
N THR A 226 -5.58 -21.89 -12.87
CA THR A 226 -4.32 -21.30 -12.42
C THR A 226 -4.45 -20.75 -11.02
N LEU A 227 -5.65 -20.49 -10.55
CA LEU A 227 -5.89 -20.07 -9.16
C LEU A 227 -5.52 -21.14 -8.13
N VAL A 228 -5.48 -22.39 -8.58
CA VAL A 228 -5.10 -23.52 -7.78
C VAL A 228 -3.64 -23.81 -8.04
N GLN A 229 -3.22 -23.76 -9.30
CA GLN A 229 -1.87 -24.06 -9.67
C GLN A 229 -0.94 -23.19 -8.89
N THR A 230 -1.16 -21.89 -8.96
CA THR A 230 -0.19 -20.95 -8.39
C THR A 230 0.24 -21.20 -6.95
N PRO A 231 -0.71 -21.25 -6.03
CA PRO A 231 -0.33 -21.45 -4.62
C PRO A 231 0.16 -22.86 -4.37
N ALA A 232 -0.41 -23.83 -5.08
CA ALA A 232 0.07 -25.22 -4.99
C ALA A 232 1.52 -25.31 -5.44
N LEU A 233 1.82 -24.70 -6.57
CA LEU A 233 3.18 -24.71 -7.07
C LEU A 233 4.08 -24.09 -6.02
N ARG A 234 3.55 -23.04 -5.39
CA ARG A 234 4.39 -22.33 -4.47
C ARG A 234 4.71 -23.19 -3.25
N ALA A 235 3.69 -23.83 -2.68
CA ALA A 235 3.92 -24.71 -1.54
C ALA A 235 4.96 -25.80 -1.87
N VAL A 236 4.82 -26.41 -3.03
CA VAL A 236 5.75 -27.43 -3.47
C VAL A 236 7.16 -26.84 -3.60
N GLY A 237 7.26 -25.63 -4.14
CA GLY A 237 8.58 -24.99 -4.28
C GLY A 237 9.23 -24.70 -2.93
N ASN A 238 8.41 -24.44 -1.93
CA ASN A 238 8.91 -24.08 -0.62
C ASN A 238 9.42 -25.37 -0.01
N ILE A 239 8.61 -26.43 -0.11
CA ILE A 239 9.06 -27.73 0.35
C ILE A 239 10.43 -28.12 -0.21
N VAL A 240 10.72 -27.81 -1.47
CA VAL A 240 12.01 -28.16 -2.03
C VAL A 240 13.16 -27.19 -1.70
N THR A 241 12.91 -26.11 -0.95
CA THR A 241 14.05 -25.36 -0.37
C THR A 241 14.67 -26.19 0.76
N GLY A 242 13.87 -27.10 1.30
CA GLY A 242 14.35 -28.07 2.26
C GLY A 242 15.46 -28.95 1.77
N ASN A 243 15.77 -29.90 2.65
CA ASN A 243 16.90 -30.81 2.44
C ASN A 243 16.60 -31.91 1.42
N ASP A 244 17.64 -32.62 1.03
CA ASP A 244 17.51 -33.69 0.07
C ASP A 244 16.38 -34.69 0.34
N LEU A 245 16.19 -35.11 1.59
CA LEU A 245 15.11 -36.04 1.94
C LEU A 245 13.73 -35.46 1.67
N GLN A 246 13.56 -34.16 1.90
CA GLN A 246 12.28 -33.44 1.79
C GLN A 246 11.91 -33.22 0.34
N THR A 247 12.95 -32.84 -0.39
CA THR A 247 12.86 -32.67 -1.83
C THR A 247 12.45 -33.99 -2.47
N GLN A 248 13.00 -35.08 -1.95
CA GLN A 248 12.81 -36.40 -2.50
C GLN A 248 11.36 -36.83 -2.33
N VAL A 249 10.70 -36.42 -1.26
CA VAL A 249 9.28 -36.76 -1.09
C VAL A 249 8.36 -36.20 -2.20
N VAL A 250 8.72 -35.03 -2.73
CA VAL A 250 7.93 -34.31 -3.73
C VAL A 250 8.19 -34.94 -5.09
N ILE A 251 9.45 -35.30 -5.36
CA ILE A 251 9.79 -36.02 -6.59
C ILE A 251 9.09 -37.38 -6.66
N ASN A 252 9.13 -38.08 -5.53
CA ASN A 252 8.45 -39.34 -5.29
C ASN A 252 6.96 -39.22 -5.43
N ALA A 253 6.39 -38.06 -5.12
CA ALA A 253 4.97 -37.81 -5.36
C ALA A 253 4.62 -37.44 -6.81
N GLY A 254 5.63 -37.28 -7.68
CA GLY A 254 5.34 -37.10 -9.11
C GLY A 254 5.41 -35.68 -9.64
N VAL A 255 6.07 -34.82 -8.87
CA VAL A 255 6.21 -33.42 -9.21
C VAL A 255 6.95 -33.12 -10.52
N LEU A 256 7.89 -33.95 -10.95
CA LEU A 256 8.64 -33.57 -12.15
C LEU A 256 7.76 -33.49 -13.43
N PRO A 257 6.92 -34.50 -13.72
CA PRO A 257 5.96 -34.38 -14.83
C PRO A 257 4.96 -33.25 -14.68
N ALA A 258 4.50 -32.98 -13.46
CA ALA A 258 3.61 -31.83 -13.27
C ALA A 258 4.39 -30.55 -13.64
N LEU A 259 5.67 -30.50 -13.28
CA LEU A 259 6.47 -29.34 -13.62
C LEU A 259 6.65 -29.18 -15.11
N ARG A 260 6.64 -30.29 -15.83
CA ARG A 260 6.74 -30.27 -17.28
C ARG A 260 5.55 -29.52 -17.79
N LEU A 261 4.39 -29.86 -17.24
CA LEU A 261 3.15 -29.32 -17.73
C LEU A 261 3.22 -27.82 -17.50
N LEU A 262 3.75 -27.40 -16.36
CA LEU A 262 3.71 -26.00 -15.97
C LEU A 262 4.73 -25.21 -16.73
N LEU A 263 5.79 -25.84 -17.21
CA LEU A 263 6.74 -25.09 -18.01
C LEU A 263 6.08 -24.74 -19.35
N SER A 264 4.86 -25.20 -19.66
CA SER A 264 4.14 -24.63 -20.82
C SER A 264 2.83 -23.93 -20.49
N SER A 265 2.73 -23.45 -19.26
CA SER A 265 1.60 -22.65 -18.87
C SER A 265 1.56 -21.41 -19.77
N PRO A 266 0.36 -20.94 -20.10
CA PRO A 266 0.19 -19.63 -20.74
C PRO A 266 0.63 -18.45 -19.87
N LYS A 267 0.53 -18.55 -18.54
CA LYS A 267 0.96 -17.46 -17.66
C LYS A 267 2.49 -17.48 -17.56
N GLU A 268 3.13 -16.33 -17.77
CA GLU A 268 4.59 -16.22 -17.64
C GLU A 268 5.09 -16.53 -16.22
N ASN A 269 4.34 -16.09 -15.22
CA ASN A 269 4.73 -16.22 -13.82
C ASN A 269 4.66 -17.65 -13.29
N ILE A 270 3.74 -18.48 -13.82
CA ILE A 270 3.71 -19.90 -13.52
C ILE A 270 4.99 -20.54 -14.06
N LYS A 271 5.37 -20.18 -15.29
CA LYS A 271 6.61 -20.68 -15.86
C LYS A 271 7.82 -20.25 -15.06
N LYS A 272 7.84 -18.99 -14.60
CA LYS A 272 8.93 -18.49 -13.78
C LYS A 272 8.96 -19.32 -12.49
N GLU A 273 7.83 -19.62 -11.88
CA GLU A 273 7.85 -20.32 -10.59
C GLU A 273 8.25 -21.76 -10.76
N ALA A 274 7.94 -22.30 -11.93
CA ALA A 274 8.27 -23.67 -12.18
C ALA A 274 9.79 -23.79 -12.39
N CYS A 275 10.37 -22.81 -13.05
CA CYS A 275 11.81 -22.77 -13.28
C CYS A 275 12.52 -22.68 -11.93
N TRP A 276 12.12 -21.71 -11.14
CA TRP A 276 12.62 -21.62 -9.77
C TRP A 276 12.57 -22.97 -9.09
N THR A 277 11.41 -23.61 -9.11
CA THR A 277 11.18 -24.84 -8.38
C THR A 277 12.10 -25.94 -8.87
N ILE A 278 12.21 -26.10 -10.17
CA ILE A 278 13.16 -27.06 -10.72
C ILE A 278 14.60 -26.74 -10.33
N SER A 279 14.94 -25.45 -10.22
CA SER A 279 16.31 -25.03 -9.96
C SER A 279 16.74 -25.47 -8.57
N ASN A 280 15.81 -25.45 -7.61
CA ASN A 280 16.05 -25.98 -6.27
C ASN A 280 16.07 -27.50 -6.17
N ILE A 281 15.74 -28.20 -7.26
CA ILE A 281 15.85 -29.67 -7.31
C ILE A 281 17.16 -30.05 -7.98
N THR A 282 17.57 -29.30 -9.01
CA THR A 282 18.92 -29.45 -9.58
C THR A 282 20.02 -28.94 -8.65
N ALA A 283 19.60 -28.25 -7.60
CA ALA A 283 20.49 -27.84 -6.52
C ALA A 283 20.72 -29.00 -5.55
N GLY A 284 19.94 -30.06 -5.72
CA GLY A 284 19.91 -31.24 -4.86
C GLY A 284 20.98 -32.21 -5.29
N ASN A 285 20.89 -33.47 -4.85
CA ASN A 285 21.96 -34.46 -5.12
C ASN A 285 21.96 -34.98 -6.55
N THR A 286 22.89 -35.87 -6.83
CA THR A 286 23.15 -36.36 -8.18
C THR A 286 22.01 -37.21 -8.75
N GLU A 287 21.29 -37.95 -7.91
CA GLU A 287 20.14 -38.71 -8.38
C GLU A 287 19.03 -37.78 -8.86
N GLN A 288 18.81 -36.72 -8.11
CA GLN A 288 17.76 -35.75 -8.36
C GLN A 288 18.10 -34.90 -9.61
N ILE A 289 19.36 -34.61 -9.84
CA ILE A 289 19.68 -33.94 -11.10
C ILE A 289 19.32 -34.87 -12.26
N GLN A 290 19.57 -36.15 -12.11
CA GLN A 290 19.26 -37.12 -13.16
C GLN A 290 17.76 -37.25 -13.32
N ALA A 291 17.00 -37.20 -12.22
CA ALA A 291 15.53 -37.28 -12.32
C ALA A 291 14.99 -36.16 -13.16
N VAL A 292 15.57 -34.96 -13.00
CA VAL A 292 15.18 -33.76 -13.77
C VAL A 292 15.40 -33.99 -15.25
N ILE A 293 16.59 -34.45 -15.59
CA ILE A 293 16.91 -34.83 -16.96
C ILE A 293 15.99 -35.91 -17.51
N ASP A 294 15.79 -37.01 -16.78
CA ASP A 294 14.89 -38.09 -17.20
C ASP A 294 13.42 -37.64 -17.45
N ALA A 295 12.98 -36.60 -16.72
CA ALA A 295 11.66 -36.04 -16.95
C ALA A 295 11.62 -35.08 -18.12
N ASN A 296 12.67 -35.06 -18.94
CA ASN A 296 12.75 -34.23 -20.16
C ASN A 296 12.49 -32.72 -19.88
N LEU A 297 12.95 -32.25 -18.74
CA LEU A 297 12.79 -30.85 -18.37
C LEU A 297 13.87 -29.97 -18.96
N ILE A 298 15.04 -30.50 -19.23
CA ILE A 298 16.06 -29.62 -19.77
C ILE A 298 15.59 -28.90 -21.05
N PRO A 299 15.10 -29.59 -22.07
CA PRO A 299 14.76 -28.91 -23.34
C PRO A 299 13.82 -27.69 -23.25
N PRO A 300 12.68 -27.75 -22.58
CA PRO A 300 11.93 -26.50 -22.39
C PRO A 300 12.70 -25.46 -21.57
N LEU A 301 13.43 -25.89 -20.54
CA LEU A 301 14.24 -24.97 -19.75
C LEU A 301 15.19 -24.21 -20.64
N VAL A 302 15.82 -24.89 -21.57
CA VAL A 302 16.76 -24.28 -22.52
C VAL A 302 16.05 -23.31 -23.46
N LYS A 303 14.87 -23.71 -23.92
CA LYS A 303 14.07 -22.89 -24.81
C LYS A 303 13.60 -21.60 -24.13
N LEU A 304 13.27 -21.67 -22.85
CA LEU A 304 12.99 -20.47 -22.04
C LEU A 304 14.23 -19.60 -21.85
N LEU A 305 15.39 -20.22 -21.65
CA LEU A 305 16.62 -19.47 -21.56
C LEU A 305 16.90 -18.62 -22.80
N GLU A 306 16.48 -19.05 -23.99
CA GLU A 306 16.69 -18.27 -25.22
C GLU A 306 15.64 -17.17 -25.48
N VAL A 307 14.37 -17.40 -25.12
CA VAL A 307 13.25 -16.57 -25.61
C VAL A 307 12.28 -16.04 -24.57
N ALA A 308 12.45 -16.41 -23.31
CA ALA A 308 11.44 -16.05 -22.31
C ALA A 308 11.70 -14.64 -21.84
N GLU A 309 10.79 -14.09 -21.04
CA GLU A 309 11.01 -12.80 -20.40
C GLU A 309 12.20 -12.89 -19.44
N ASP A 310 12.88 -11.77 -19.26
CA ASP A 310 14.08 -11.71 -18.41
C ASP A 310 14.02 -12.37 -17.05
N LYS A 311 13.01 -12.07 -16.24
CA LYS A 311 12.85 -12.73 -14.94
C LYS A 311 12.81 -14.28 -15.08
N THR A 312 12.21 -14.78 -16.15
CA THR A 312 12.03 -16.21 -16.37
C THR A 312 13.33 -16.87 -16.79
N LYS A 313 14.03 -16.24 -17.73
CA LYS A 313 15.39 -16.62 -18.11
C LYS A 313 16.32 -16.76 -16.91
N LYS A 314 16.27 -15.86 -15.94
CA LYS A 314 17.21 -15.91 -14.82
C LYS A 314 16.94 -17.18 -14.06
N GLU A 315 15.67 -17.41 -13.74
CA GLU A 315 15.28 -18.65 -13.09
C GLU A 315 15.66 -19.93 -13.87
N ALA A 316 15.60 -19.90 -15.19
CA ALA A 316 15.96 -21.06 -16.00
C ALA A 316 17.45 -21.31 -15.98
N CYS A 317 18.21 -20.22 -15.99
CA CYS A 317 19.67 -20.19 -15.93
C CYS A 317 20.13 -20.81 -14.60
N TRP A 318 19.44 -20.47 -13.51
CA TRP A 318 19.73 -21.14 -12.25
C TRP A 318 19.54 -22.65 -12.34
N ALA A 319 18.47 -23.05 -13.03
CA ALA A 319 18.08 -24.44 -13.10
C ALA A 319 19.15 -25.19 -13.87
N ILE A 320 19.64 -24.56 -14.93
CA ILE A 320 20.61 -25.21 -15.80
C ILE A 320 22.03 -25.22 -15.21
N SER A 321 22.43 -24.08 -14.67
CA SER A 321 23.71 -23.96 -13.97
C SER A 321 23.80 -24.89 -12.75
N ASN A 322 22.82 -24.86 -11.86
CA ASN A 322 22.84 -25.78 -10.70
C ASN A 322 23.01 -27.23 -11.14
N ALA A 323 22.54 -27.55 -12.34
CA ALA A 323 22.57 -28.92 -12.83
C ALA A 323 23.99 -29.30 -13.27
N SER A 324 24.72 -28.31 -13.75
CA SER A 324 26.11 -28.48 -14.17
C SER A 324 27.07 -28.71 -13.00
N SER A 325 26.62 -28.52 -11.76
CA SER A 325 27.39 -28.79 -10.53
C SER A 325 27.84 -30.21 -10.50
N GLY A 326 26.88 -31.07 -10.82
CA GLY A 326 26.99 -32.51 -10.74
C GLY A 326 27.71 -33.11 -11.93
N GLY A 327 28.13 -32.27 -12.88
CA GLY A 327 28.97 -32.66 -14.00
C GLY A 327 30.41 -33.07 -13.68
N LEU A 328 30.87 -32.71 -12.49
CA LEU A 328 32.24 -33.05 -12.11
C LEU A 328 32.30 -34.53 -11.67
N GLN A 329 31.20 -35.04 -11.11
CA GLN A 329 31.06 -36.46 -10.74
C GLN A 329 30.10 -37.27 -11.62
N ARG A 330 29.41 -36.64 -12.57
CA ARG A 330 28.73 -37.37 -13.66
C ARG A 330 28.79 -36.51 -14.90
N PRO A 331 29.82 -36.75 -15.71
CA PRO A 331 30.02 -36.02 -16.96
C PRO A 331 28.95 -36.24 -18.03
N ASP A 332 28.11 -37.27 -17.94
CA ASP A 332 27.00 -37.41 -18.90
C ASP A 332 26.03 -36.23 -18.84
N ILE A 333 25.85 -35.72 -17.63
CA ILE A 333 24.95 -34.60 -17.41
C ILE A 333 25.42 -33.41 -18.23
N ILE A 334 26.68 -33.00 -18.04
CA ILE A 334 27.21 -31.87 -18.79
C ILE A 334 27.12 -32.09 -20.28
N ARG A 335 27.42 -33.31 -20.73
CA ARG A 335 27.40 -33.66 -22.16
C ARG A 335 26.01 -33.47 -22.76
N TYR A 336 25.00 -33.85 -22.00
CA TYR A 336 23.62 -33.75 -22.43
C TYR A 336 23.17 -32.29 -22.43
N LEU A 337 23.55 -31.51 -21.43
CA LEU A 337 23.25 -30.09 -21.43
C LEU A 337 23.80 -29.43 -22.69
N VAL A 338 25.05 -29.74 -23.00
CA VAL A 338 25.76 -29.11 -24.09
C VAL A 338 25.04 -29.45 -25.35
N SER A 339 24.66 -30.72 -25.42
CA SER A 339 24.09 -31.26 -26.64
C SER A 339 22.65 -30.81 -26.85
N GLN A 340 21.98 -30.41 -25.79
CA GLN A 340 20.69 -29.75 -25.91
C GLN A 340 20.78 -28.27 -26.28
N GLY A 341 21.97 -27.76 -26.58
CA GLY A 341 22.14 -26.38 -27.06
C GLY A 341 22.09 -25.26 -26.04
N CYS A 342 22.66 -25.48 -24.86
CA CYS A 342 22.50 -24.54 -23.76
C CYS A 342 23.62 -23.53 -23.73
N ILE A 343 24.65 -23.75 -24.54
CA ILE A 343 25.84 -22.89 -24.55
C ILE A 343 25.54 -21.49 -25.08
N LYS A 344 24.96 -21.37 -26.27
CA LYS A 344 24.59 -20.06 -26.80
C LYS A 344 23.66 -19.19 -25.95
N PRO A 345 22.61 -19.73 -25.34
CA PRO A 345 21.79 -18.95 -24.39
C PRO A 345 22.51 -18.54 -23.10
N LEU A 346 23.32 -19.42 -22.52
CA LEU A 346 24.10 -19.12 -21.34
C LEU A 346 25.08 -18.01 -21.66
N CYS A 347 25.78 -18.16 -22.77
CA CYS A 347 26.64 -17.09 -23.27
C CYS A 347 25.88 -15.74 -23.41
N ASP A 348 24.77 -15.75 -24.14
CA ASP A 348 24.04 -14.52 -24.43
C ASP A 348 23.48 -13.91 -23.18
N LEU A 349 23.46 -14.64 -22.09
CA LEU A 349 22.88 -14.12 -20.86
C LEU A 349 23.91 -13.27 -20.08
N LEU A 350 25.20 -13.42 -20.41
CA LEU A 350 26.30 -12.78 -19.68
C LEU A 350 26.17 -11.25 -19.67
N GLU A 351 25.48 -10.72 -20.66
CA GLU A 351 25.28 -9.29 -20.78
C GLU A 351 24.01 -8.79 -20.15
N ILE A 352 23.26 -9.68 -19.51
CA ILE A 352 22.18 -9.26 -18.61
C ILE A 352 22.81 -8.31 -17.61
N ALA A 353 21.99 -7.40 -17.09
CA ALA A 353 22.47 -6.47 -16.08
C ALA A 353 22.13 -6.98 -14.67
N ASP A 354 22.71 -8.11 -14.28
CA ASP A 354 22.50 -8.67 -12.94
C ASP A 354 23.75 -9.46 -12.57
N ASN A 355 24.47 -9.02 -11.55
CA ASN A 355 25.73 -9.65 -11.20
C ASN A 355 25.53 -11.01 -10.52
N ARG A 356 24.43 -11.17 -9.82
CA ARG A 356 24.03 -12.47 -9.30
C ARG A 356 24.02 -13.55 -10.39
N ILE A 357 23.31 -13.25 -11.49
CA ILE A 357 23.17 -14.16 -12.63
C ILE A 357 24.40 -14.34 -13.49
N ILE A 358 25.17 -13.27 -13.74
CA ILE A 358 26.40 -13.36 -14.54
C ILE A 358 27.31 -14.38 -13.89
N GLU A 359 27.38 -14.29 -12.56
CA GLU A 359 28.19 -15.20 -11.75
C GLU A 359 27.73 -16.63 -11.94
N VAL A 360 26.45 -16.91 -11.71
CA VAL A 360 25.90 -18.25 -11.97
C VAL A 360 26.19 -18.74 -13.40
N THR A 361 26.07 -17.83 -14.36
CA THR A 361 26.25 -18.21 -15.76
C THR A 361 27.66 -18.61 -16.02
N LEU A 362 28.62 -17.90 -15.44
CA LEU A 362 30.05 -18.19 -15.61
C LEU A 362 30.45 -19.50 -14.90
N ASP A 363 29.78 -19.81 -13.78
CA ASP A 363 29.95 -21.09 -13.09
C ASP A 363 29.44 -22.23 -13.97
N ALA A 364 28.36 -22.00 -14.68
CA ALA A 364 27.86 -23.00 -15.61
C ALA A 364 28.84 -23.20 -16.76
N LEU A 365 29.35 -22.10 -17.31
CA LEU A 365 30.32 -22.18 -18.40
C LEU A 365 31.68 -22.77 -17.98
N GLU A 366 32.13 -22.47 -16.77
CA GLU A 366 33.37 -23.04 -16.25
C GLU A 366 33.20 -24.56 -16.11
N ASN A 367 32.12 -25.00 -15.47
CA ASN A 367 31.83 -26.45 -15.34
C ASN A 367 31.78 -27.18 -16.70
N ILE A 368 31.23 -26.56 -17.72
CA ILE A 368 31.23 -27.10 -19.08
C ILE A 368 32.65 -27.14 -19.66
N LEU A 369 33.48 -26.18 -19.27
CA LEU A 369 34.82 -26.09 -19.82
C LEU A 369 35.66 -27.14 -19.10
N LYS A 370 35.49 -27.28 -17.78
CA LYS A 370 36.21 -28.25 -16.96
C LYS A 370 36.01 -29.70 -17.39
N MET A 371 34.79 -30.00 -17.84
CA MET A 371 34.45 -31.32 -18.31
C MET A 371 34.84 -31.45 -19.78
N GLY A 372 34.80 -30.35 -20.55
CA GLY A 372 35.31 -30.37 -21.92
C GLY A 372 36.82 -30.53 -21.98
N GLU A 373 37.50 -30.14 -20.90
CA GLU A 373 38.96 -30.24 -20.77
C GLU A 373 39.34 -31.64 -20.31
N ALA A 374 38.73 -32.12 -19.22
CA ALA A 374 38.95 -33.50 -18.72
C ALA A 374 38.45 -34.57 -19.70
N ASP A 375 37.71 -34.15 -20.73
CA ASP A 375 37.32 -35.01 -21.84
C ASP A 375 38.48 -35.20 -22.81
N LYS A 376 39.15 -34.11 -23.17
CA LYS A 376 40.29 -34.18 -24.08
C LYS A 376 41.63 -34.64 -23.44
N GLU A 377 41.80 -34.44 -22.13
CA GLU A 377 42.98 -34.94 -21.41
C GLU A 377 42.86 -36.44 -21.12
N ALA A 378 41.64 -36.93 -20.92
CA ALA A 378 41.38 -38.35 -20.69
C ALA A 378 41.59 -39.21 -21.94
N ARG A 379 41.40 -38.64 -23.14
CA ARG A 379 41.67 -39.31 -24.42
C ARG A 379 42.55 -38.51 -25.40
N GLY A 380 43.59 -37.88 -24.84
CA GLY A 380 44.71 -37.31 -25.59
C GLY A 380 44.50 -36.46 -26.84
N LEU A 381 43.42 -35.67 -26.89
CA LEU A 381 43.14 -34.73 -27.99
C LEU A 381 43.87 -33.38 -27.78
N ASN A 382 43.88 -32.54 -28.81
CA ASN A 382 44.53 -31.21 -28.74
C ASN A 382 43.58 -30.00 -28.71
N ILE A 383 42.30 -30.25 -28.43
CA ILE A 383 41.26 -29.20 -28.45
C ILE A 383 40.22 -29.45 -27.35
N ASN A 384 39.80 -28.37 -26.69
CA ASN A 384 38.62 -28.39 -25.83
C ASN A 384 37.39 -28.10 -26.69
N GLU A 385 36.57 -29.12 -26.91
CA GLU A 385 35.43 -29.01 -27.80
C GLU A 385 34.44 -27.95 -27.35
N ASN A 386 34.20 -27.90 -26.04
CA ASN A 386 33.27 -26.93 -25.45
C ASN A 386 33.82 -25.52 -25.53
N ALA A 387 35.13 -25.38 -25.30
CA ALA A 387 35.81 -24.08 -25.47
C ALA A 387 35.61 -23.52 -26.86
N ASP A 388 35.60 -24.38 -27.87
CA ASP A 388 35.40 -23.93 -29.24
C ASP A 388 33.94 -23.60 -29.52
N PHE A 389 33.01 -24.30 -28.85
CA PHE A 389 31.57 -23.99 -28.97
C PHE A 389 31.24 -22.60 -28.41
N ILE A 390 31.80 -22.34 -27.22
CA ILE A 390 31.69 -21.04 -26.56
C ILE A 390 32.29 -19.94 -27.45
N GLU A 391 33.45 -20.23 -28.05
CA GLU A 391 34.14 -19.26 -28.90
C GLU A 391 33.30 -18.90 -30.12
N LYS A 392 32.71 -19.91 -30.76
CA LYS A 392 31.95 -19.75 -32.01
C LYS A 392 30.57 -19.15 -31.79
N ALA A 393 30.17 -19.04 -30.51
CA ALA A 393 28.92 -18.41 -30.10
C ALA A 393 29.11 -16.98 -29.58
N GLY A 394 30.32 -16.45 -29.72
CA GLY A 394 30.65 -15.09 -29.32
C GLY A 394 30.70 -14.88 -27.81
N GLY A 395 30.92 -15.98 -27.08
CA GLY A 395 30.92 -16.03 -25.64
C GLY A 395 32.27 -15.79 -25.00
N MET A 396 33.35 -16.04 -25.76
CA MET A 396 34.71 -15.65 -25.36
C MET A 396 34.80 -14.13 -25.20
N GLU A 397 34.38 -13.43 -26.25
CA GLU A 397 34.26 -11.97 -26.20
C GLU A 397 33.43 -11.55 -24.97
N LYS A 398 32.28 -12.18 -24.77
CA LYS A 398 31.41 -11.82 -23.65
C LYS A 398 32.03 -12.09 -22.25
N ILE A 399 32.75 -13.21 -22.11
CA ILE A 399 33.44 -13.55 -20.86
C ILE A 399 34.60 -12.60 -20.64
N PHE A 400 35.31 -12.30 -21.73
CA PHE A 400 36.39 -11.31 -21.72
C PHE A 400 35.94 -9.97 -21.14
N ASN A 401 34.79 -9.49 -21.58
CA ASN A 401 34.25 -8.22 -21.12
C ASN A 401 33.92 -8.21 -19.64
N CYS A 402 33.73 -9.38 -19.05
CA CYS A 402 33.42 -9.47 -17.62
C CYS A 402 34.56 -9.12 -16.72
N GLN A 403 35.74 -8.92 -17.28
CA GLN A 403 36.85 -8.50 -16.43
C GLN A 403 36.68 -7.02 -16.07
N GLN A 404 35.88 -6.32 -16.89
CA GLN A 404 35.60 -4.90 -16.71
C GLN A 404 34.37 -4.65 -15.81
N ASN A 405 33.94 -5.69 -15.08
CA ASN A 405 32.80 -5.68 -14.15
C ASN A 405 33.26 -5.29 -12.76
N GLU A 406 32.52 -4.44 -12.07
CA GLU A 406 32.96 -3.91 -10.77
C GLU A 406 33.14 -4.93 -9.66
N ASN A 407 32.43 -6.05 -9.73
CA ASN A 407 32.50 -7.06 -8.70
C ASN A 407 33.79 -7.84 -8.90
N ASP A 408 34.62 -7.92 -7.86
CA ASP A 408 35.95 -8.53 -8.02
C ASP A 408 35.85 -10.00 -8.36
N LYS A 409 34.89 -10.68 -7.73
CA LYS A 409 34.71 -12.11 -7.94
C LYS A 409 34.37 -12.46 -9.40
N ILE A 410 33.54 -11.64 -10.04
CA ILE A 410 33.20 -11.82 -11.47
C ILE A 410 34.46 -11.67 -12.32
N TYR A 411 35.25 -10.63 -12.07
CA TYR A 411 36.44 -10.36 -12.85
C TYR A 411 37.40 -11.53 -12.72
N GLU A 412 37.48 -12.06 -11.51
CA GLU A 412 38.45 -13.07 -11.12
C GLU A 412 38.18 -14.43 -11.78
N LYS A 413 36.92 -14.87 -11.70
CA LYS A 413 36.48 -16.06 -12.40
C LYS A 413 36.58 -15.93 -13.94
N ALA A 414 36.30 -14.75 -14.48
CA ALA A 414 36.38 -14.48 -15.90
C ALA A 414 37.83 -14.47 -16.37
N TYR A 415 38.70 -13.89 -15.54
CA TYR A 415 40.12 -13.82 -15.84
C TYR A 415 40.63 -15.25 -15.90
N LYS A 416 40.30 -16.02 -14.87
CA LYS A 416 40.66 -17.43 -14.79
C LYS A 416 40.15 -18.27 -15.98
N ILE A 417 38.98 -17.96 -16.52
CA ILE A 417 38.42 -18.72 -17.64
C ILE A 417 39.18 -18.45 -18.95
N ILE A 418 39.63 -17.22 -19.15
CA ILE A 418 40.28 -16.83 -20.39
C ILE A 418 41.71 -17.38 -20.43
N GLU A 419 42.32 -17.52 -19.25
CA GLU A 419 43.69 -18.01 -19.13
C GLU A 419 43.73 -19.52 -19.31
N THR A 420 42.89 -20.21 -18.56
CA THR A 420 42.86 -21.67 -18.50
C THR A 420 42.37 -22.34 -19.77
N TYR A 421 41.39 -21.75 -20.44
CA TYR A 421 40.75 -22.38 -21.60
C TYR A 421 40.83 -21.56 -22.87
N PHE A 422 41.38 -20.36 -22.83
CA PHE A 422 41.58 -19.59 -24.05
C PHE A 422 42.98 -18.97 -24.09
N GLY A 423 44.00 -19.77 -23.74
CA GLY A 423 45.38 -19.34 -23.76
C GLY A 423 46.08 -19.72 -25.06
N GLU B 1 -20.53 -24.38 -10.43
CA GLU B 1 -21.39 -24.52 -11.63
C GLU B 1 -20.92 -23.62 -12.75
N LEU B 2 -19.63 -23.30 -12.72
CA LEU B 2 -19.06 -22.26 -13.54
C LEU B 2 -18.80 -22.54 -15.00
N PRO B 3 -18.28 -23.72 -15.33
CA PRO B 3 -18.03 -24.02 -16.75
C PRO B 3 -19.31 -23.96 -17.56
N GLN B 4 -20.41 -24.37 -16.92
CA GLN B 4 -21.76 -24.33 -17.50
C GLN B 4 -22.19 -22.89 -17.80
N MET B 5 -21.97 -22.02 -16.82
CA MET B 5 -22.28 -20.59 -16.97
C MET B 5 -21.48 -19.95 -18.10
N THR B 6 -20.20 -20.31 -18.19
CA THR B 6 -19.33 -19.78 -19.21
C THR B 6 -19.90 -20.08 -20.60
N GLN B 7 -20.37 -21.31 -20.79
CA GLN B 7 -20.88 -21.76 -22.07
C GLN B 7 -22.24 -21.10 -22.40
N GLN B 8 -23.08 -20.96 -21.39
CA GLN B 8 -24.35 -20.28 -21.52
C GLN B 8 -24.15 -18.83 -21.95
N LEU B 9 -23.09 -18.20 -21.45
CA LEU B 9 -22.76 -16.81 -21.76
C LEU B 9 -22.22 -16.69 -23.17
N ASN B 10 -21.76 -17.78 -23.75
CA ASN B 10 -21.16 -17.73 -25.07
C ASN B 10 -22.16 -18.16 -26.14
N SER B 11 -23.35 -18.55 -25.71
CA SER B 11 -24.44 -18.91 -26.63
C SER B 11 -24.79 -17.70 -27.50
N ASP B 12 -25.20 -17.92 -28.75
CA ASP B 12 -25.63 -16.83 -29.66
C ASP B 12 -27.11 -16.44 -29.49
N ASP B 13 -27.83 -17.21 -28.66
CA ASP B 13 -29.18 -16.89 -28.23
C ASP B 13 -29.20 -15.78 -27.17
N MET B 14 -29.80 -14.64 -27.50
CA MET B 14 -29.83 -13.46 -26.63
C MET B 14 -30.51 -13.78 -25.31
N GLN B 15 -31.51 -14.64 -25.36
CA GLN B 15 -32.25 -15.04 -24.18
C GLN B 15 -31.35 -15.66 -23.10
N GLU B 16 -30.35 -16.43 -23.54
CA GLU B 16 -29.47 -17.22 -22.66
C GLU B 16 -28.26 -16.40 -22.21
N GLN B 17 -27.66 -15.64 -23.13
CA GLN B 17 -26.71 -14.57 -22.80
C GLN B 17 -27.15 -13.77 -21.57
N LEU B 18 -28.40 -13.32 -21.56
CA LEU B 18 -28.93 -12.58 -20.43
C LEU B 18 -28.94 -13.43 -19.17
N SER B 19 -29.55 -14.61 -19.26
CA SER B 19 -29.71 -15.48 -18.10
C SER B 19 -28.36 -15.77 -17.43
N ALA B 20 -27.33 -15.93 -18.26
CA ALA B 20 -25.96 -16.16 -17.79
C ALA B 20 -25.38 -14.92 -17.15
N THR B 21 -25.47 -13.79 -17.86
CA THR B 21 -24.91 -12.56 -17.34
C THR B 21 -25.49 -12.32 -15.96
N VAL B 22 -26.69 -12.81 -15.72
CA VAL B 22 -27.43 -12.48 -14.50
C VAL B 22 -26.95 -13.33 -13.36
N LYS B 23 -26.57 -14.54 -13.71
CA LYS B 23 -26.12 -15.50 -12.72
C LYS B 23 -24.75 -15.06 -12.23
N PHE B 24 -23.88 -14.65 -13.17
CA PHE B 24 -22.55 -14.09 -12.90
C PHE B 24 -22.60 -12.88 -11.99
N ARG B 25 -23.42 -11.89 -12.37
CA ARG B 25 -23.66 -10.73 -11.52
C ARG B 25 -24.06 -11.10 -10.10
N GLN B 26 -24.85 -12.16 -9.93
CA GLN B 26 -25.34 -12.49 -8.60
C GLN B 26 -24.28 -13.14 -7.75
N ILE B 27 -23.46 -13.99 -8.35
CA ILE B 27 -22.47 -14.65 -7.50
C ILE B 27 -21.41 -13.63 -7.15
N LEU B 28 -21.22 -12.69 -8.08
CA LEU B 28 -20.23 -11.63 -7.91
C LEU B 28 -20.58 -10.73 -6.74
N SER B 29 -21.88 -10.56 -6.51
CA SER B 29 -22.43 -9.67 -5.50
C SER B 29 -22.40 -10.27 -4.11
N ARG B 30 -21.96 -11.52 -3.99
CA ARG B 30 -21.84 -12.16 -2.68
C ARG B 30 -21.02 -11.33 -1.68
N GLU B 31 -21.58 -11.06 -0.49
CA GLU B 31 -20.92 -10.28 0.55
C GLU B 31 -19.73 -11.04 1.14
N HIS B 32 -19.82 -12.36 1.27
CA HIS B 32 -18.72 -13.15 1.85
C HIS B 32 -17.82 -13.86 0.83
N ARG B 33 -16.63 -13.29 0.61
CA ARG B 33 -15.60 -13.90 -0.24
C ARG B 33 -16.12 -14.00 -1.69
N PRO B 34 -16.48 -12.86 -2.25
CA PRO B 34 -16.89 -12.77 -3.67
C PRO B 34 -16.03 -13.63 -4.58
N PRO B 35 -16.61 -14.35 -5.53
CA PRO B 35 -15.83 -15.26 -6.37
C PRO B 35 -15.18 -14.53 -7.51
N ILE B 36 -14.53 -13.41 -7.25
CA ILE B 36 -14.12 -12.54 -8.35
C ILE B 36 -13.01 -13.23 -9.09
N ASP B 37 -12.06 -13.77 -8.33
CA ASP B 37 -10.91 -14.43 -8.94
C ASP B 37 -11.34 -15.54 -9.90
N VAL B 38 -12.19 -16.44 -9.40
CA VAL B 38 -12.70 -17.57 -10.16
C VAL B 38 -13.42 -17.17 -11.43
N VAL B 39 -14.22 -16.10 -11.37
CA VAL B 39 -14.97 -15.62 -12.53
C VAL B 39 -14.00 -15.00 -13.52
N ILE B 40 -12.98 -14.30 -13.03
CA ILE B 40 -11.95 -13.77 -13.94
C ILE B 40 -11.23 -14.89 -14.67
N GLN B 41 -10.93 -15.97 -13.93
CA GLN B 41 -10.11 -17.05 -14.51
C GLN B 41 -10.89 -17.90 -15.51
N ALA B 42 -12.21 -17.93 -15.39
CA ALA B 42 -13.08 -18.54 -16.38
C ALA B 42 -13.07 -17.87 -17.75
N GLY B 43 -12.29 -16.80 -17.90
CA GLY B 43 -12.16 -16.13 -19.20
C GLY B 43 -13.26 -15.21 -19.72
N VAL B 44 -14.28 -14.91 -18.91
CA VAL B 44 -15.50 -14.24 -19.34
C VAL B 44 -15.52 -12.70 -19.37
N VAL B 45 -14.55 -12.06 -18.73
CA VAL B 45 -14.48 -10.61 -18.75
C VAL B 45 -14.63 -9.98 -20.16
N PRO B 46 -13.85 -10.40 -21.16
CA PRO B 46 -14.02 -9.85 -22.52
C PRO B 46 -15.41 -10.02 -23.10
N ARG B 47 -16.00 -11.14 -22.75
CA ARG B 47 -17.34 -11.42 -23.18
C ARG B 47 -18.29 -10.42 -22.50
N LEU B 48 -18.21 -10.28 -21.19
CA LEU B 48 -19.03 -9.28 -20.51
C LEU B 48 -18.83 -7.86 -21.12
N VAL B 49 -17.64 -7.55 -21.60
CA VAL B 49 -17.32 -6.22 -22.09
C VAL B 49 -18.05 -6.06 -23.42
N GLU B 50 -18.05 -7.09 -24.25
CA GLU B 50 -18.84 -7.06 -25.50
C GLU B 50 -20.29 -6.72 -25.22
N PHE B 51 -20.83 -7.22 -24.12
CA PHE B 51 -22.22 -7.00 -23.76
C PHE B 51 -22.57 -5.56 -23.37
N MET B 52 -21.57 -4.68 -23.27
CA MET B 52 -21.77 -3.31 -22.83
C MET B 52 -21.75 -2.35 -24.03
N ARG B 53 -21.69 -2.89 -25.25
CA ARG B 53 -21.67 -2.09 -26.48
C ARG B 53 -23.04 -1.45 -26.84
N GLU B 54 -23.02 -0.50 -27.78
CA GLU B 54 -24.24 0.22 -28.17
C GLU B 54 -25.30 -0.71 -28.78
N ASN B 55 -24.83 -1.64 -29.60
CA ASN B 55 -25.73 -2.55 -30.30
C ASN B 55 -26.21 -3.68 -29.39
N GLN B 56 -26.53 -3.39 -28.12
CA GLN B 56 -26.94 -4.44 -27.18
C GLN B 56 -28.16 -4.01 -26.38
N PRO B 57 -29.03 -4.96 -26.02
CA PRO B 57 -30.19 -4.66 -25.17
C PRO B 57 -29.87 -3.80 -23.98
N GLU B 58 -30.82 -2.98 -23.55
CA GLU B 58 -30.69 -2.13 -22.38
C GLU B 58 -30.51 -3.02 -21.14
N MET B 59 -31.20 -4.16 -21.12
CA MET B 59 -31.23 -5.01 -19.94
C MET B 59 -29.95 -5.85 -19.84
N LEU B 60 -29.29 -6.08 -20.97
CA LEU B 60 -28.07 -6.88 -20.98
C LEU B 60 -26.88 -5.99 -20.61
N GLN B 61 -26.64 -4.95 -21.41
CA GLN B 61 -25.82 -3.81 -20.98
C GLN B 61 -25.83 -3.52 -19.47
N LEU B 62 -27.00 -3.59 -18.84
CA LEU B 62 -27.06 -3.23 -17.45
C LEU B 62 -26.30 -4.27 -16.66
N GLU B 63 -26.73 -5.52 -16.80
CA GLU B 63 -26.20 -6.63 -16.02
C GLU B 63 -24.71 -6.87 -16.29
N ALA B 64 -24.25 -6.68 -17.52
CA ALA B 64 -22.87 -6.87 -17.87
C ALA B 64 -22.07 -5.83 -17.08
N ALA B 65 -22.51 -4.60 -17.20
CA ALA B 65 -21.85 -3.51 -16.52
C ALA B 65 -21.88 -3.71 -15.00
N TRP B 66 -22.96 -4.26 -14.48
CA TRP B 66 -23.05 -4.40 -13.03
C TRP B 66 -22.06 -5.49 -12.57
N ALA B 67 -21.93 -6.55 -13.35
CA ALA B 67 -21.02 -7.63 -13.01
C ALA B 67 -19.57 -7.14 -13.05
N LEU B 68 -19.22 -6.42 -14.11
CA LEU B 68 -17.90 -5.86 -14.27
C LEU B 68 -17.57 -4.88 -13.14
N THR B 69 -18.58 -4.23 -12.66
CA THR B 69 -18.38 -3.25 -11.62
C THR B 69 -17.95 -3.93 -10.36
N ASN B 70 -18.62 -5.03 -10.07
CA ASN B 70 -18.30 -5.86 -8.91
C ASN B 70 -16.86 -6.38 -8.99
N ILE B 71 -16.37 -6.57 -10.22
CA ILE B 71 -15.02 -7.04 -10.44
C ILE B 71 -14.09 -5.86 -10.24
N ALA B 72 -14.44 -4.73 -10.85
CA ALA B 72 -13.60 -3.53 -10.84
C ALA B 72 -13.40 -2.99 -9.43
N SER B 73 -14.32 -3.35 -8.53
CA SER B 73 -14.30 -2.75 -7.22
C SER B 73 -13.71 -3.72 -6.24
N GLY B 74 -12.87 -4.63 -6.72
CA GLY B 74 -12.17 -5.57 -5.86
C GLY B 74 -10.74 -5.13 -5.60
N THR B 75 -9.77 -6.01 -5.83
CA THR B 75 -8.35 -5.73 -5.60
C THR B 75 -7.79 -5.03 -6.81
N SER B 76 -6.64 -4.42 -6.62
CA SER B 76 -5.98 -3.76 -7.72
C SER B 76 -5.83 -4.65 -8.94
N ALA B 77 -5.53 -5.94 -8.75
CA ALA B 77 -5.35 -6.82 -9.93
C ALA B 77 -6.64 -7.19 -10.66
N GLN B 78 -7.73 -7.27 -9.89
CA GLN B 78 -9.05 -7.52 -10.46
C GLN B 78 -9.53 -6.29 -11.24
N THR B 79 -9.22 -5.09 -10.75
CA THR B 79 -9.51 -3.87 -11.47
C THR B 79 -8.74 -3.77 -12.77
N LYS B 80 -7.50 -4.27 -12.74
CA LYS B 80 -6.60 -4.23 -13.87
C LYS B 80 -7.13 -5.13 -14.98
N VAL B 81 -7.76 -6.24 -14.61
CA VAL B 81 -8.29 -7.15 -15.63
C VAL B 81 -9.38 -6.43 -16.39
N VAL B 82 -10.27 -5.77 -15.67
CA VAL B 82 -11.34 -4.98 -16.29
C VAL B 82 -10.83 -3.86 -17.21
N VAL B 83 -9.71 -3.27 -16.86
CA VAL B 83 -9.20 -2.17 -17.64
C VAL B 83 -8.52 -2.76 -18.87
N ASP B 84 -7.88 -3.93 -18.74
CA ASP B 84 -7.04 -4.46 -19.83
C ASP B 84 -7.98 -5.03 -20.87
N ALA B 85 -9.20 -5.35 -20.46
CA ALA B 85 -10.29 -5.67 -21.37
C ALA B 85 -10.92 -4.50 -22.18
N ASP B 86 -10.38 -3.30 -22.02
CA ASP B 86 -10.91 -2.11 -22.67
C ASP B 86 -12.35 -1.77 -22.35
N ALA B 87 -12.74 -1.98 -21.10
CA ALA B 87 -14.07 -1.69 -20.59
C ALA B 87 -14.39 -0.21 -20.35
N VAL B 88 -13.36 0.62 -20.20
CA VAL B 88 -13.57 1.99 -19.70
C VAL B 88 -14.26 2.89 -20.73
N PRO B 89 -13.81 2.86 -21.98
CA PRO B 89 -14.52 3.59 -23.01
C PRO B 89 -15.98 3.15 -23.10
N LEU B 90 -16.32 1.93 -22.71
CA LEU B 90 -17.71 1.55 -22.85
C LEU B 90 -18.46 1.97 -21.65
N PHE B 91 -17.80 2.00 -20.50
CA PHE B 91 -18.41 2.53 -19.28
C PHE B 91 -18.74 4.00 -19.51
N ILE B 92 -17.89 4.66 -20.27
CA ILE B 92 -18.00 6.10 -20.42
C ILE B 92 -19.14 6.40 -21.35
N GLN B 93 -19.19 5.71 -22.49
CA GLN B 93 -20.25 5.96 -23.46
C GLN B 93 -21.62 5.49 -22.94
N LEU B 94 -21.66 4.61 -21.94
CA LEU B 94 -22.90 4.32 -21.23
C LEU B 94 -23.37 5.42 -20.25
N LEU B 95 -22.58 6.46 -20.02
CA LEU B 95 -22.99 7.51 -19.09
C LEU B 95 -23.87 8.52 -19.83
N TYR B 96 -23.68 8.58 -21.13
CA TYR B 96 -24.48 9.35 -22.06
C TYR B 96 -25.78 8.58 -22.33
N THR B 97 -25.65 7.35 -22.85
CA THR B 97 -26.77 6.59 -23.40
C THR B 97 -27.64 5.96 -22.34
N GLY B 98 -27.01 5.43 -21.31
CA GLY B 98 -27.71 4.50 -20.46
C GLY B 98 -28.84 5.07 -19.67
N SER B 99 -29.65 4.21 -19.05
CA SER B 99 -30.66 4.65 -18.11
C SER B 99 -29.91 5.12 -16.88
N VAL B 100 -30.63 5.38 -15.80
CA VAL B 100 -30.06 5.83 -14.54
C VAL B 100 -29.40 4.71 -13.73
N GLU B 101 -30.00 3.53 -13.71
CA GLU B 101 -29.46 2.40 -12.96
C GLU B 101 -28.10 2.05 -13.55
N VAL B 102 -28.01 2.15 -14.88
CA VAL B 102 -26.82 1.87 -15.68
C VAL B 102 -25.73 2.91 -15.48
N LYS B 103 -26.15 4.18 -15.38
CA LYS B 103 -25.23 5.28 -15.18
C LYS B 103 -24.63 5.12 -13.79
N GLU B 104 -25.43 4.73 -12.81
CA GLU B 104 -24.91 4.57 -11.47
C GLU B 104 -23.89 3.45 -11.34
N GLN B 105 -24.00 2.42 -12.18
CA GLN B 105 -23.00 1.35 -12.16
C GLN B 105 -21.74 1.82 -12.86
N ALA B 106 -21.86 2.35 -14.07
CA ALA B 106 -20.67 2.83 -14.74
C ALA B 106 -19.92 3.89 -13.93
N ILE B 107 -20.64 4.75 -13.20
CA ILE B 107 -19.91 5.83 -12.56
C ILE B 107 -19.08 5.24 -11.44
N TRP B 108 -19.65 4.27 -10.73
CA TRP B 108 -18.94 3.63 -9.65
C TRP B 108 -17.73 2.85 -10.11
N ALA B 109 -17.89 2.21 -11.26
CA ALA B 109 -16.82 1.45 -11.83
C ALA B 109 -15.71 2.42 -12.22
N LEU B 110 -16.05 3.58 -12.74
CA LEU B 110 -15.02 4.43 -13.32
C LEU B 110 -14.31 5.10 -12.16
N GLY B 111 -15.01 5.21 -11.03
CA GLY B 111 -14.44 5.71 -9.79
C GLY B 111 -13.47 4.70 -9.19
N ASN B 112 -13.83 3.44 -9.25
CA ASN B 112 -12.99 2.40 -8.65
C ASN B 112 -11.72 2.24 -9.50
N VAL B 113 -11.89 2.34 -10.80
CA VAL B 113 -10.77 2.31 -11.71
C VAL B 113 -9.90 3.53 -11.44
N ALA B 114 -10.51 4.70 -11.36
CA ALA B 114 -9.76 5.95 -11.22
C ALA B 114 -8.94 6.00 -9.91
N GLY B 115 -9.46 5.37 -8.86
CA GLY B 115 -8.86 5.36 -7.54
C GLY B 115 -7.73 4.35 -7.38
N ASP B 116 -7.57 3.43 -8.32
CA ASP B 116 -6.57 2.41 -8.13
C ASP B 116 -5.16 2.98 -8.08
N SER B 117 -4.90 3.95 -8.94
CA SER B 117 -3.55 4.48 -9.03
C SER B 117 -3.55 5.83 -9.74
N THR B 118 -2.42 6.51 -9.77
CA THR B 118 -2.43 7.70 -10.63
C THR B 118 -2.50 7.41 -12.11
N ASP B 119 -2.03 6.26 -12.60
CA ASP B 119 -2.09 5.97 -14.04
C ASP B 119 -3.52 5.64 -14.52
N TYR B 120 -4.27 4.90 -13.71
CA TYR B 120 -5.65 4.65 -14.10
C TYR B 120 -6.46 5.94 -14.06
N ARG B 121 -6.14 6.81 -13.11
CA ARG B 121 -6.76 8.10 -13.05
C ARG B 121 -6.48 8.87 -14.34
N ASP B 122 -5.23 8.93 -14.74
CA ASP B 122 -4.94 9.69 -15.96
C ASP B 122 -5.58 9.08 -17.18
N TYR B 123 -5.68 7.75 -17.20
CA TYR B 123 -6.30 7.02 -18.30
C TYR B 123 -7.81 7.28 -18.45
N VAL B 124 -8.53 7.33 -17.34
CA VAL B 124 -9.94 7.61 -17.42
C VAL B 124 -10.14 9.01 -17.98
N LEU B 125 -9.27 9.95 -17.59
CA LEU B 125 -9.31 11.32 -18.09
C LEU B 125 -8.92 11.45 -19.55
N GLN B 126 -7.86 10.75 -19.98
CA GLN B 126 -7.47 10.71 -21.38
C GLN B 126 -8.61 10.19 -22.27
N CYS B 127 -9.39 9.23 -21.77
CA CYS B 127 -10.61 8.73 -22.41
C CYS B 127 -11.82 9.66 -22.26
N ASN B 128 -11.60 10.95 -22.01
CA ASN B 128 -12.63 11.97 -22.07
C ASN B 128 -13.89 11.62 -21.31
N ALA B 129 -13.72 11.14 -20.09
CA ALA B 129 -14.85 10.90 -19.19
C ALA B 129 -15.37 12.17 -18.54
N MET B 130 -14.60 13.24 -18.51
CA MET B 130 -15.06 14.37 -17.70
C MET B 130 -16.38 14.94 -18.23
N GLU B 131 -16.46 15.06 -19.56
CA GLU B 131 -17.64 15.65 -20.15
C GLU B 131 -18.91 14.91 -19.71
N PRO B 132 -18.99 13.60 -19.96
CA PRO B 132 -20.19 12.85 -19.56
C PRO B 132 -20.44 12.80 -18.08
N ILE B 133 -19.39 12.83 -17.27
CA ILE B 133 -19.55 12.76 -15.81
C ILE B 133 -20.27 13.98 -15.29
N LEU B 134 -19.85 15.15 -15.78
CA LEU B 134 -20.45 16.45 -15.36
C LEU B 134 -21.92 16.51 -15.76
N GLY B 135 -22.20 15.94 -16.94
CA GLY B 135 -23.55 15.69 -17.41
C GLY B 135 -24.46 15.07 -16.38
N LEU B 136 -23.98 14.07 -15.66
CA LEU B 136 -24.80 13.41 -14.66
C LEU B 136 -25.26 14.25 -13.50
N PHE B 137 -24.66 15.43 -13.27
CA PHE B 137 -25.06 16.26 -12.12
C PHE B 137 -26.37 17.01 -12.31
N ASN B 138 -26.92 16.96 -13.51
CA ASN B 138 -28.28 17.38 -13.77
C ASN B 138 -29.34 16.38 -13.31
N SER B 139 -28.93 15.24 -12.77
CA SER B 139 -29.88 14.16 -12.64
C SER B 139 -30.90 14.35 -11.52
N ASN B 140 -30.60 15.17 -10.53
CA ASN B 140 -31.54 15.31 -9.41
C ASN B 140 -32.02 13.95 -8.88
N LYS B 141 -31.12 12.97 -8.90
CA LYS B 141 -31.30 11.70 -8.23
C LYS B 141 -30.18 11.58 -7.18
N PRO B 142 -30.50 11.64 -5.90
CA PRO B 142 -29.47 11.80 -4.87
C PRO B 142 -28.36 10.75 -4.85
N SER B 143 -28.68 9.48 -5.01
CA SER B 143 -27.68 8.43 -4.97
C SER B 143 -26.71 8.50 -6.14
N LEU B 144 -27.16 9.02 -7.27
CA LEU B 144 -26.36 9.04 -8.47
C LEU B 144 -25.37 10.17 -8.37
N ILE B 145 -25.84 11.26 -7.76
CA ILE B 145 -25.05 12.46 -7.55
C ILE B 145 -23.99 12.11 -6.52
N ARG B 146 -24.35 11.32 -5.52
CA ARG B 146 -23.47 11.00 -4.44
C ARG B 146 -22.32 10.20 -5.01
N THR B 147 -22.65 9.31 -5.94
CA THR B 147 -21.68 8.39 -6.49
C THR B 147 -20.78 9.12 -7.49
N ALA B 148 -21.35 10.03 -8.27
CA ALA B 148 -20.60 10.75 -9.28
C ALA B 148 -19.61 11.70 -8.61
N THR B 149 -19.97 12.18 -7.43
CA THR B 149 -19.15 13.06 -6.63
C THR B 149 -17.94 12.32 -6.06
N TRP B 150 -18.16 11.08 -5.63
CA TRP B 150 -17.09 10.19 -5.22
C TRP B 150 -16.03 9.97 -6.33
N THR B 151 -16.53 9.54 -7.48
CA THR B 151 -15.69 9.34 -8.62
C THR B 151 -14.93 10.62 -8.97
N LEU B 152 -15.65 11.72 -9.03
CA LEU B 152 -15.04 13.00 -9.38
C LEU B 152 -13.89 13.29 -8.38
N SER B 153 -14.13 13.07 -7.10
CA SER B 153 -13.07 13.28 -6.16
C SER B 153 -11.83 12.43 -6.45
N ASN B 154 -12.00 11.15 -6.79
CA ASN B 154 -10.84 10.33 -7.11
C ASN B 154 -10.17 10.80 -8.40
N LEU B 155 -10.91 11.40 -9.34
CA LEU B 155 -10.27 11.96 -10.51
C LEU B 155 -9.35 13.13 -10.17
N CYS B 156 -9.60 13.78 -9.03
CA CYS B 156 -8.76 14.93 -8.63
C CYS B 156 -7.59 14.59 -7.77
N ARG B 157 -7.65 13.41 -7.18
CA ARG B 157 -6.78 13.07 -6.07
C ARG B 157 -5.41 12.77 -6.62
N GLY B 158 -4.40 13.11 -5.84
CA GLY B 158 -3.04 12.71 -6.18
C GLY B 158 -2.22 13.86 -6.75
N LYS B 159 -1.08 14.10 -6.11
CA LYS B 159 -0.16 15.22 -6.36
C LYS B 159 1.12 14.76 -7.09
N LYS B 160 1.46 13.47 -7.03
CA LYS B 160 2.65 12.94 -7.66
C LYS B 160 2.39 11.76 -8.57
N PRO B 161 2.06 12.04 -9.83
CA PRO B 161 1.92 13.41 -10.39
C PRO B 161 0.50 13.98 -10.28
N GLN B 162 0.33 15.28 -10.45
CA GLN B 162 -0.99 15.91 -10.45
C GLN B 162 -1.71 15.44 -11.68
N PRO B 163 -3.03 15.39 -11.66
CA PRO B 163 -3.76 15.12 -12.89
C PRO B 163 -3.73 16.39 -13.74
N ASP B 164 -4.08 16.21 -14.99
CA ASP B 164 -4.09 17.25 -16.02
C ASP B 164 -5.08 18.35 -15.59
N TRP B 165 -4.54 19.51 -15.30
CA TRP B 165 -5.33 20.53 -14.68
C TRP B 165 -6.43 21.05 -15.61
N SER B 166 -6.12 21.04 -16.90
CA SER B 166 -7.00 21.64 -17.88
C SER B 166 -8.26 20.84 -17.96
N VAL B 167 -8.22 19.55 -17.66
CA VAL B 167 -9.43 18.74 -17.53
C VAL B 167 -10.10 18.80 -16.13
N VAL B 168 -9.36 18.64 -15.04
CA VAL B 168 -10.04 18.41 -13.77
C VAL B 168 -10.60 19.71 -13.25
N SER B 169 -9.98 20.82 -13.65
CA SER B 169 -10.49 22.14 -13.31
C SER B 169 -11.88 22.43 -13.88
N GLN B 170 -12.28 21.71 -14.90
CA GLN B 170 -13.64 21.82 -15.47
C GLN B 170 -14.72 21.42 -14.49
N ALA B 171 -14.35 20.86 -13.34
CA ALA B 171 -15.33 20.40 -12.36
C ALA B 171 -15.63 21.39 -11.25
N LEU B 172 -14.84 22.44 -11.17
CA LEU B 172 -15.02 23.47 -10.16
C LEU B 172 -16.45 24.09 -10.12
N PRO B 173 -17.03 24.51 -11.24
CA PRO B 173 -18.38 25.11 -11.17
C PRO B 173 -19.33 24.14 -10.50
N THR B 174 -19.24 22.86 -10.88
CA THR B 174 -20.10 21.83 -10.31
C THR B 174 -19.77 21.68 -8.86
N LEU B 175 -18.48 21.52 -8.55
CA LEU B 175 -18.14 21.30 -7.15
C LEU B 175 -18.61 22.47 -6.30
N ALA B 176 -18.58 23.67 -6.87
CA ALA B 176 -18.98 24.86 -6.13
C ALA B 176 -20.42 24.76 -5.64
N LYS B 177 -21.30 24.16 -6.46
CA LYS B 177 -22.67 23.89 -6.08
C LYS B 177 -22.76 22.76 -5.08
N LEU B 178 -21.96 21.71 -5.27
CA LEU B 178 -22.06 20.53 -4.42
C LEU B 178 -21.73 20.74 -2.96
N ILE B 179 -20.98 21.77 -2.62
CA ILE B 179 -20.70 22.07 -1.22
C ILE B 179 -21.83 22.80 -0.53
N TYR B 180 -22.92 22.95 -1.29
CA TYR B 180 -24.25 23.32 -0.77
C TYR B 180 -25.22 22.15 -0.63
N SER B 181 -24.84 20.93 -1.00
CA SER B 181 -25.74 19.79 -0.85
C SER B 181 -26.08 19.51 0.60
N MET B 182 -27.23 18.89 0.80
CA MET B 182 -27.73 18.59 2.15
C MET B 182 -27.40 17.15 2.51
N ASP B 183 -27.07 16.35 1.51
CA ASP B 183 -26.52 15.01 1.66
C ASP B 183 -25.07 14.99 2.20
N THR B 184 -24.88 14.43 3.38
CA THR B 184 -23.56 14.45 4.00
C THR B 184 -22.48 13.87 3.09
N GLU B 185 -22.63 12.64 2.63
CA GLU B 185 -21.58 12.00 1.83
C GLU B 185 -21.24 12.79 0.57
N THR B 186 -22.21 13.50 -0.01
CA THR B 186 -21.94 14.28 -1.19
C THR B 186 -21.08 15.47 -0.80
N LEU B 187 -21.37 16.02 0.37
CA LEU B 187 -20.70 17.21 0.83
C LEU B 187 -19.27 16.88 1.17
N VAL B 188 -19.11 15.76 1.84
CA VAL B 188 -17.81 15.27 2.23
C VAL B 188 -16.92 15.00 1.01
N ASP B 189 -17.45 14.26 0.04
CA ASP B 189 -16.65 13.91 -1.11
C ASP B 189 -16.31 15.12 -1.98
N ALA B 190 -17.23 16.06 -2.10
CA ALA B 190 -17.00 17.30 -2.80
C ALA B 190 -15.90 18.13 -2.10
N CYS B 191 -15.89 18.10 -0.78
CA CYS B 191 -14.84 18.75 0.00
C CYS B 191 -13.48 18.11 -0.23
N TRP B 192 -13.45 16.79 -0.29
CA TRP B 192 -12.21 16.09 -0.59
C TRP B 192 -11.79 16.49 -1.97
N ALA B 193 -12.71 16.44 -2.91
CA ALA B 193 -12.35 16.84 -4.27
C ALA B 193 -11.72 18.26 -4.28
N ILE B 194 -12.27 19.20 -3.54
CA ILE B 194 -11.77 20.55 -3.57
C ILE B 194 -10.48 20.62 -2.81
N SER B 195 -10.29 19.75 -1.82
CA SER B 195 -9.03 19.73 -1.05
C SER B 195 -7.88 19.28 -1.93
N TYR B 196 -8.21 18.53 -2.98
CA TYR B 196 -7.22 18.00 -3.91
C TYR B 196 -6.94 18.97 -5.07
N LEU B 197 -7.99 19.56 -5.63
CA LEU B 197 -7.84 20.58 -6.67
C LEU B 197 -7.13 21.84 -6.16
N SER B 198 -7.36 22.21 -4.91
CA SER B 198 -6.65 23.36 -4.34
C SER B 198 -5.22 23.00 -3.89
N ASP B 199 -4.86 21.72 -3.93
CA ASP B 199 -3.53 21.29 -3.51
C ASP B 199 -2.64 21.32 -4.73
N GLY B 200 -2.08 22.49 -4.99
CA GLY B 200 -1.32 22.67 -6.21
C GLY B 200 -0.90 24.10 -6.38
N PRO B 201 -0.60 24.44 -7.60
CA PRO B 201 -0.01 25.75 -7.86
C PRO B 201 -0.99 26.88 -7.68
N GLN B 202 -0.44 28.08 -7.63
CA GLN B 202 -1.22 29.31 -7.55
C GLN B 202 -2.32 29.39 -8.60
N GLU B 203 -2.07 28.92 -9.82
CA GLU B 203 -3.13 28.96 -10.82
C GLU B 203 -4.39 28.18 -10.35
N ALA B 204 -4.18 27.02 -9.72
CA ALA B 204 -5.25 26.13 -9.34
C ALA B 204 -6.04 26.73 -8.18
N ILE B 205 -5.29 27.27 -7.22
CA ILE B 205 -5.90 27.95 -6.10
C ILE B 205 -6.78 29.10 -6.59
N GLN B 206 -6.33 29.81 -7.60
CA GLN B 206 -7.07 30.95 -8.09
C GLN B 206 -8.39 30.46 -8.65
N ALA B 207 -8.36 29.34 -9.37
CA ALA B 207 -9.57 28.84 -10.01
C ALA B 207 -10.58 28.48 -8.97
N VAL B 208 -10.11 28.02 -7.82
CA VAL B 208 -10.99 27.67 -6.71
C VAL B 208 -11.61 28.95 -6.13
N ILE B 209 -10.81 29.99 -6.03
CA ILE B 209 -11.25 31.27 -5.52
C ILE B 209 -12.26 31.91 -6.47
N ASP B 210 -11.98 31.85 -7.77
CA ASP B 210 -12.82 32.50 -8.76
C ASP B 210 -14.21 31.86 -8.88
N VAL B 211 -14.35 30.56 -8.60
CA VAL B 211 -15.70 29.99 -8.49
C VAL B 211 -16.34 30.25 -7.15
N ARG B 212 -15.78 31.14 -6.33
CA ARG B 212 -16.41 31.56 -5.05
C ARG B 212 -16.60 30.44 -4.03
N ILE B 213 -15.85 29.37 -4.18
CA ILE B 213 -15.83 28.31 -3.18
C ILE B 213 -15.41 28.79 -1.80
N PRO B 214 -14.40 29.64 -1.65
CA PRO B 214 -13.84 29.89 -0.32
C PRO B 214 -14.81 30.38 0.73
N LYS B 215 -15.75 31.23 0.34
CA LYS B 215 -16.78 31.70 1.24
C LYS B 215 -17.42 30.52 1.92
N ARG B 216 -17.87 29.58 1.09
CA ARG B 216 -18.57 28.39 1.56
C ARG B 216 -17.75 27.39 2.32
N LEU B 217 -16.48 27.23 1.97
CA LEU B 217 -15.61 26.37 2.75
C LEU B 217 -15.50 26.91 4.16
N VAL B 218 -15.40 28.22 4.31
CA VAL B 218 -15.21 28.82 5.63
C VAL B 218 -16.43 28.51 6.49
N GLU B 219 -17.61 28.58 5.89
CA GLU B 219 -18.83 28.22 6.63
C GLU B 219 -18.73 26.81 7.07
N LEU B 220 -18.28 25.92 6.18
CA LEU B 220 -18.19 24.51 6.52
C LEU B 220 -17.13 24.19 7.56
N LEU B 221 -16.25 25.12 7.95
CA LEU B 221 -15.33 24.80 9.02
C LEU B 221 -16.07 24.53 10.33
N SER B 222 -17.31 25.03 10.43
CA SER B 222 -18.13 24.91 11.66
C SER B 222 -19.26 23.87 11.56
N HIS B 223 -19.20 22.97 10.58
CA HIS B 223 -20.16 21.89 10.45
C HIS B 223 -20.02 20.99 11.65
N GLU B 224 -21.12 20.34 12.02
CA GLU B 224 -21.15 19.45 13.16
C GLU B 224 -20.21 18.22 13.01
N SER B 225 -20.07 17.72 11.78
CA SER B 225 -19.28 16.52 11.46
C SER B 225 -17.82 16.79 11.09
N THR B 226 -16.91 16.05 11.72
CA THR B 226 -15.50 16.16 11.40
C THR B 226 -15.17 15.65 10.00
N LEU B 227 -16.06 14.85 9.45
CA LEU B 227 -15.92 14.36 8.09
C LEU B 227 -16.05 15.45 7.05
N VAL B 228 -16.63 16.58 7.47
CA VAL B 228 -16.64 17.79 6.69
C VAL B 228 -15.51 18.73 7.13
N GLN B 229 -15.37 18.94 8.41
CA GLN B 229 -14.29 19.78 8.91
C GLN B 229 -12.94 19.43 8.29
N THR B 230 -12.59 18.16 8.27
CA THR B 230 -11.24 17.79 7.90
C THR B 230 -10.79 18.17 6.50
N PRO B 231 -11.53 17.76 5.49
CA PRO B 231 -11.17 18.15 4.13
C PRO B 231 -11.38 19.62 3.88
N ALA B 232 -12.35 20.22 4.57
CA ALA B 232 -12.71 21.60 4.28
C ALA B 232 -11.56 22.44 4.81
N LEU B 233 -11.08 22.06 5.99
CA LEU B 233 -9.98 22.75 6.65
C LEU B 233 -8.79 22.60 5.75
N ARG B 234 -8.66 21.43 5.17
CA ARG B 234 -7.48 21.19 4.43
C ARG B 234 -7.42 22.08 3.21
N ALA B 235 -8.57 22.23 2.54
CA ALA B 235 -8.68 23.04 1.34
C ALA B 235 -8.29 24.47 1.72
N VAL B 236 -8.82 24.95 2.83
CA VAL B 236 -8.52 26.29 3.26
C VAL B 236 -7.01 26.44 3.49
N GLY B 237 -6.42 25.47 4.19
CA GLY B 237 -4.99 25.47 4.41
C GLY B 237 -4.21 25.50 3.10
N ASN B 238 -4.69 24.79 2.08
CA ASN B 238 -4.02 24.82 0.79
C ASN B 238 -4.09 26.17 0.08
N ILE B 239 -5.24 26.82 0.18
CA ILE B 239 -5.42 28.17 -0.38
C ILE B 239 -4.41 29.14 0.21
N VAL B 240 -4.21 29.10 1.52
CA VAL B 240 -3.27 30.01 2.11
C VAL B 240 -1.82 29.60 1.95
N THR B 241 -1.53 28.45 1.33
CA THR B 241 -0.16 28.23 0.83
C THR B 241 0.14 29.04 -0.41
N GLY B 242 -0.84 29.75 -0.92
CA GLY B 242 -0.69 30.54 -2.10
C GLY B 242 -0.21 31.93 -1.76
N ASN B 243 -0.44 32.85 -2.71
CA ASN B 243 0.00 34.23 -2.57
C ASN B 243 -0.73 35.05 -1.51
N ASP B 244 -0.25 36.26 -1.29
CA ASP B 244 -0.92 37.17 -0.35
C ASP B 244 -2.32 37.57 -0.77
N LEU B 245 -2.58 37.83 -2.05
CA LEU B 245 -3.94 38.12 -2.47
C LEU B 245 -4.88 36.97 -2.20
N GLN B 246 -4.38 35.75 -2.43
CA GLN B 246 -5.19 34.55 -2.24
C GLN B 246 -5.44 34.34 -0.76
N THR B 247 -4.45 34.63 0.07
CA THR B 247 -4.62 34.43 1.49
C THR B 247 -5.65 35.43 2.01
N GLN B 248 -5.60 36.67 1.51
CA GLN B 248 -6.54 37.69 1.91
C GLN B 248 -8.00 37.39 1.51
N VAL B 249 -8.24 36.60 0.47
CA VAL B 249 -9.59 36.21 0.12
C VAL B 249 -10.15 35.40 1.24
N VAL B 250 -9.36 34.50 1.77
CA VAL B 250 -9.79 33.63 2.86
C VAL B 250 -10.01 34.38 4.19
N ILE B 251 -9.10 35.28 4.53
CA ILE B 251 -9.33 36.12 5.70
C ILE B 251 -10.66 36.91 5.61
N ASN B 252 -10.89 37.49 4.43
CA ASN B 252 -12.03 38.36 4.13
C ASN B 252 -13.37 37.59 4.18
N ALA B 253 -13.33 36.31 3.82
CA ALA B 253 -14.46 35.38 3.93
C ALA B 253 -14.73 34.83 5.32
N GLY B 254 -13.88 35.13 6.29
CA GLY B 254 -14.22 34.85 7.67
C GLY B 254 -13.45 33.73 8.32
N VAL B 255 -12.37 33.32 7.69
CA VAL B 255 -11.64 32.16 8.12
C VAL B 255 -11.05 32.30 9.51
N LEU B 256 -10.71 33.49 9.96
CA LEU B 256 -9.98 33.55 11.23
C LEU B 256 -10.85 33.15 12.45
N PRO B 257 -12.03 33.74 12.63
CA PRO B 257 -12.97 33.27 13.66
C PRO B 257 -13.39 31.80 13.56
N ALA B 258 -13.43 31.26 12.35
CA ALA B 258 -13.64 29.82 12.19
C ALA B 258 -12.42 29.04 12.73
N LEU B 259 -11.23 29.50 12.40
CA LEU B 259 -10.04 28.88 12.92
C LEU B 259 -9.99 28.97 14.45
N ARG B 260 -10.66 29.95 15.02
CA ARG B 260 -10.66 30.09 16.46
C ARG B 260 -11.41 28.90 17.06
N LEU B 261 -12.52 28.54 16.42
CA LEU B 261 -13.38 27.45 16.86
C LEU B 261 -12.54 26.20 16.77
N LEU B 262 -11.87 26.01 15.64
CA LEU B 262 -11.16 24.74 15.40
C LEU B 262 -9.92 24.59 16.29
N LEU B 263 -9.35 25.69 16.81
CA LEU B 263 -8.25 25.53 17.76
C LEU B 263 -8.72 24.85 19.04
N SER B 264 -10.03 24.91 19.35
CA SER B 264 -10.57 24.14 20.48
C SER B 264 -11.36 22.86 20.10
N SER B 265 -10.95 22.20 19.02
CA SER B 265 -11.62 20.99 18.59
C SER B 265 -11.27 19.84 19.54
N PRO B 266 -12.17 18.86 19.69
CA PRO B 266 -11.80 17.59 20.37
C PRO B 266 -10.69 16.78 19.63
N LYS B 267 -10.78 16.63 18.31
CA LYS B 267 -9.80 15.87 17.54
C LYS B 267 -8.47 16.59 17.45
N GLU B 268 -7.40 15.98 17.94
CA GLU B 268 -6.06 16.60 17.94
C GLU B 268 -5.63 17.11 16.55
N ASN B 269 -5.94 16.31 15.53
CA ASN B 269 -5.50 16.58 14.17
C ASN B 269 -6.16 17.78 13.53
N ILE B 270 -7.37 18.12 13.96
CA ILE B 270 -8.02 19.35 13.52
C ILE B 270 -7.28 20.54 14.13
N LYS B 271 -6.85 20.39 15.38
CA LYS B 271 -6.03 21.40 16.01
C LYS B 271 -4.66 21.55 15.32
N LYS B 272 -4.10 20.45 14.85
CA LYS B 272 -2.80 20.52 14.20
C LYS B 272 -2.92 21.27 12.86
N GLU B 273 -3.97 21.00 12.10
CA GLU B 273 -4.13 21.55 10.75
C GLU B 273 -4.59 22.99 10.80
N ALA B 274 -5.29 23.33 11.86
CA ALA B 274 -5.64 24.71 12.14
C ALA B 274 -4.42 25.56 12.47
N CYS B 275 -3.48 25.00 13.23
CA CYS B 275 -2.26 25.71 13.55
C CYS B 275 -1.40 25.87 12.31
N TRP B 276 -1.36 24.82 11.52
CA TRP B 276 -0.59 24.86 10.28
C TRP B 276 -1.13 25.99 9.40
N THR B 277 -2.45 26.07 9.33
CA THR B 277 -3.15 27.01 8.47
C THR B 277 -2.85 28.38 8.97
N ILE B 278 -3.04 28.62 10.26
CA ILE B 278 -2.76 29.95 10.79
C ILE B 278 -1.32 30.37 10.52
N SER B 279 -0.39 29.41 10.55
CA SER B 279 1.01 29.74 10.45
C SER B 279 1.31 30.13 9.02
N ASN B 280 0.55 29.56 8.08
CA ASN B 280 0.63 30.11 6.73
C ASN B 280 -0.01 31.51 6.54
N ILE B 281 -0.82 31.95 7.47
CA ILE B 281 -1.33 33.31 7.40
C ILE B 281 -0.36 34.26 8.10
N THR B 282 0.30 33.81 9.17
CA THR B 282 1.32 34.64 9.85
C THR B 282 2.64 34.67 9.11
N ALA B 283 2.71 33.84 8.08
CA ALA B 283 3.80 33.87 7.14
C ALA B 283 3.59 34.94 6.09
N GLY B 284 2.41 35.56 6.17
CA GLY B 284 1.96 36.56 5.24
C GLY B 284 2.50 37.95 5.53
N ASN B 285 1.78 38.97 5.05
CA ASN B 285 2.21 40.35 5.25
C ASN B 285 1.74 40.82 6.61
N THR B 286 2.12 42.06 6.91
CA THR B 286 1.91 42.67 8.20
C THR B 286 0.43 42.85 8.52
N GLU B 287 -0.38 43.21 7.55
CA GLU B 287 -1.83 43.34 7.81
C GLU B 287 -2.41 41.99 8.20
N GLN B 288 -1.80 40.94 7.69
CA GLN B 288 -2.29 39.61 7.89
C GLN B 288 -1.84 39.05 9.24
N ILE B 289 -0.64 39.41 9.67
CA ILE B 289 -0.20 39.07 11.01
C ILE B 289 -1.04 39.83 12.01
N GLN B 290 -1.39 41.07 11.67
CA GLN B 290 -2.25 41.82 12.59
C GLN B 290 -3.64 41.22 12.63
N ALA B 291 -4.12 40.69 11.51
CA ALA B 291 -5.48 40.19 11.51
C ALA B 291 -5.62 38.95 12.40
N VAL B 292 -4.60 38.11 12.41
CA VAL B 292 -4.54 36.93 13.27
C VAL B 292 -4.59 37.41 14.71
N ILE B 293 -3.69 38.35 15.07
CA ILE B 293 -3.73 38.97 16.39
C ILE B 293 -5.11 39.56 16.76
N ASP B 294 -5.68 40.43 15.92
CA ASP B 294 -7.04 40.93 16.13
C ASP B 294 -8.17 39.89 16.24
N ALA B 295 -7.96 38.67 15.76
CA ALA B 295 -8.97 37.61 15.91
C ALA B 295 -8.80 36.78 17.18
N ASN B 296 -7.94 37.26 18.08
CA ASN B 296 -7.64 36.64 19.37
C ASN B 296 -7.11 35.21 19.25
N LEU B 297 -6.28 34.98 18.24
CA LEU B 297 -5.72 33.66 18.01
C LEU B 297 -4.41 33.45 18.80
N ILE B 298 -3.74 34.50 19.24
CA ILE B 298 -2.46 34.27 19.86
C ILE B 298 -2.63 33.44 21.10
N PRO B 299 -3.49 33.86 22.02
CA PRO B 299 -3.62 33.15 23.31
C PRO B 299 -3.86 31.64 23.26
N PRO B 300 -4.83 31.09 22.55
CA PRO B 300 -4.93 29.64 22.47
C PRO B 300 -3.76 28.99 21.73
N LEU B 301 -3.07 29.73 20.87
CA LEU B 301 -1.89 29.23 20.17
C LEU B 301 -0.73 29.03 21.17
N VAL B 302 -0.56 29.99 22.04
CA VAL B 302 0.45 29.95 23.10
C VAL B 302 0.10 28.86 24.09
N LYS B 303 -1.18 28.74 24.44
CA LYS B 303 -1.62 27.62 25.29
C LYS B 303 -1.26 26.27 24.65
N LEU B 304 -1.56 26.08 23.37
CA LEU B 304 -1.24 24.86 22.68
C LEU B 304 0.27 24.60 22.62
N LEU B 305 1.06 25.66 22.50
CA LEU B 305 2.51 25.52 22.52
C LEU B 305 3.00 25.02 23.87
N GLU B 306 2.22 25.20 24.95
CA GLU B 306 2.65 24.68 26.26
C GLU B 306 2.16 23.29 26.58
N VAL B 307 0.98 22.89 26.11
CA VAL B 307 0.35 21.64 26.55
C VAL B 307 -0.20 20.67 25.50
N ALA B 308 -0.09 20.99 24.21
CA ALA B 308 -0.65 20.10 23.18
C ALA B 308 0.30 18.95 22.87
N GLU B 309 -0.17 17.94 22.15
CA GLU B 309 0.71 16.90 21.64
C GLU B 309 1.84 17.52 20.83
N ASP B 310 2.99 16.88 20.80
CA ASP B 310 4.18 17.38 20.13
C ASP B 310 3.89 17.86 18.68
N LYS B 311 3.16 17.08 17.90
CA LYS B 311 2.93 17.47 16.50
C LYS B 311 2.18 18.79 16.43
N THR B 312 1.32 19.01 17.42
CA THR B 312 0.54 20.22 17.41
C THR B 312 1.37 21.40 17.88
N LYS B 313 2.27 21.16 18.82
CA LYS B 313 3.16 22.20 19.31
C LYS B 313 4.07 22.75 18.23
N LYS B 314 4.53 21.88 17.34
CA LYS B 314 5.47 22.27 16.29
C LYS B 314 4.76 23.25 15.38
N GLU B 315 3.60 22.83 14.92
CA GLU B 315 2.75 23.68 14.12
C GLU B 315 2.47 25.02 14.83
N ALA B 316 2.14 24.99 16.11
CA ALA B 316 1.90 26.24 16.81
C ALA B 316 3.12 27.15 16.88
N CYS B 317 4.29 26.52 16.98
CA CYS B 317 5.56 27.21 17.09
C CYS B 317 5.83 27.91 15.79
N TRP B 318 5.62 27.22 14.69
CA TRP B 318 5.66 27.89 13.39
C TRP B 318 4.76 29.11 13.33
N ALA B 319 3.53 29.01 13.81
CA ALA B 319 2.58 30.13 13.79
C ALA B 319 3.09 31.35 14.57
N ILE B 320 3.67 31.10 15.74
CA ILE B 320 4.09 32.22 16.58
C ILE B 320 5.41 32.80 16.05
N SER B 321 6.30 31.91 15.62
CA SER B 321 7.57 32.32 15.06
C SER B 321 7.39 33.12 13.76
N ASN B 322 6.62 32.61 12.81
CA ASN B 322 6.37 33.41 11.60
C ASN B 322 5.90 34.82 11.94
N ALA B 323 5.05 34.93 12.96
CA ALA B 323 4.43 36.18 13.30
C ALA B 323 5.48 37.17 13.77
N SER B 324 6.53 36.67 14.42
CA SER B 324 7.60 37.49 14.97
C SER B 324 8.56 37.96 13.87
N SER B 325 8.35 37.53 12.64
CA SER B 325 9.01 38.12 11.47
C SER B 325 8.59 39.56 11.29
N GLY B 326 7.32 39.85 11.58
CA GLY B 326 6.74 41.16 11.40
C GLY B 326 7.08 42.14 12.51
N GLY B 327 7.82 41.68 13.51
CA GLY B 327 8.32 42.53 14.58
C GLY B 327 9.42 43.49 14.18
N LEU B 328 9.97 43.31 12.99
CA LEU B 328 11.07 44.16 12.53
C LEU B 328 10.44 45.44 11.96
N GLN B 329 9.32 45.29 11.25
CA GLN B 329 8.53 46.42 10.72
C GLN B 329 7.39 46.88 11.62
N ARG B 330 6.98 46.05 12.58
CA ARG B 330 6.01 46.46 13.57
C ARG B 330 6.33 45.83 14.93
N PRO B 331 7.10 46.57 15.71
CA PRO B 331 7.51 46.11 17.03
C PRO B 331 6.35 45.86 17.96
N ASP B 332 5.22 46.53 17.79
CA ASP B 332 4.02 46.19 18.56
C ASP B 332 3.62 44.73 18.50
N ILE B 333 3.95 44.04 17.40
CA ILE B 333 3.62 42.64 17.26
C ILE B 333 4.43 41.80 18.24
N ILE B 334 5.72 42.02 18.33
CA ILE B 334 6.55 41.25 19.25
C ILE B 334 6.16 41.55 20.69
N ARG B 335 5.87 42.82 20.98
CA ARG B 335 5.50 43.22 22.32
C ARG B 335 4.27 42.43 22.76
N TYR B 336 3.33 42.29 21.84
CA TYR B 336 2.12 41.61 22.19
C TYR B 336 2.44 40.15 22.38
N LEU B 337 3.23 39.54 21.51
CA LEU B 337 3.52 38.11 21.66
C LEU B 337 4.15 37.81 23.02
N VAL B 338 5.13 38.62 23.41
CA VAL B 338 5.82 38.48 24.68
C VAL B 338 4.85 38.59 25.87
N SER B 339 3.98 39.61 25.78
CA SER B 339 3.03 39.94 26.83
C SER B 339 1.94 38.89 26.96
N GLN B 340 1.67 38.13 25.90
CA GLN B 340 0.88 36.89 25.99
C GLN B 340 1.64 35.66 26.49
N GLY B 341 2.92 35.83 26.84
CA GLY B 341 3.66 34.76 27.47
C GLY B 341 4.20 33.68 26.55
N CYS B 342 4.67 34.08 25.38
CA CYS B 342 5.11 33.09 24.41
C CYS B 342 6.56 32.69 24.63
N ILE B 343 7.33 33.46 25.38
CA ILE B 343 8.74 33.18 25.63
C ILE B 343 8.99 31.81 26.27
N LYS B 344 8.39 31.55 27.44
CA LYS B 344 8.59 30.30 28.17
C LYS B 344 8.29 29.08 27.33
N PRO B 345 7.12 28.94 26.71
CA PRO B 345 6.83 27.78 25.86
C PRO B 345 7.81 27.61 24.70
N LEU B 346 8.29 28.71 24.10
CA LEU B 346 9.27 28.61 23.03
C LEU B 346 10.56 28.08 23.61
N CYS B 347 11.01 28.72 24.67
CA CYS B 347 12.21 28.26 25.36
C CYS B 347 12.10 26.77 25.67
N ASP B 348 10.96 26.34 26.20
CA ASP B 348 10.80 24.96 26.63
C ASP B 348 10.83 23.97 25.46
N LEU B 349 10.59 24.48 24.26
CA LEU B 349 10.48 23.67 23.05
C LEU B 349 11.84 23.42 22.43
N LEU B 350 12.85 24.11 22.94
CA LEU B 350 14.19 23.97 22.41
C LEU B 350 14.73 22.59 22.67
N GLU B 351 14.11 21.85 23.58
CA GLU B 351 14.54 20.50 23.90
C GLU B 351 13.80 19.43 23.10
N ILE B 352 12.72 19.80 22.43
CA ILE B 352 12.10 18.89 21.46
C ILE B 352 13.17 18.24 20.57
N ALA B 353 12.99 16.99 20.21
CA ALA B 353 13.98 16.34 19.37
C ALA B 353 13.61 16.49 17.89
N ASP B 354 13.71 17.71 17.37
CA ASP B 354 13.40 18.02 15.97
C ASP B 354 14.16 19.28 15.58
N ASN B 355 15.25 19.12 14.83
CA ASN B 355 16.07 20.25 14.47
C ASN B 355 15.37 21.28 13.62
N ARG B 356 14.38 20.85 12.83
CA ARG B 356 13.55 21.77 12.08
C ARG B 356 12.91 22.81 12.99
N ILE B 357 12.32 22.36 14.08
CA ILE B 357 11.62 23.24 15.00
C ILE B 357 12.56 24.01 15.92
N ILE B 358 13.63 23.36 16.39
CA ILE B 358 14.60 24.08 17.19
C ILE B 358 14.99 25.37 16.47
N GLU B 359 15.24 25.23 15.17
CA GLU B 359 15.70 26.33 14.35
C GLU B 359 14.67 27.43 14.20
N VAL B 360 13.41 27.08 13.98
CA VAL B 360 12.31 28.07 13.99
C VAL B 360 12.16 28.80 15.33
N THR B 361 12.44 28.07 16.41
CA THR B 361 12.26 28.56 17.75
C THR B 361 13.38 29.55 18.08
N LEU B 362 14.62 29.22 17.77
CA LEU B 362 15.72 30.16 17.96
C LEU B 362 15.56 31.42 17.06
N ASP B 363 14.96 31.26 15.86
CA ASP B 363 14.63 32.41 15.02
C ASP B 363 13.61 33.30 15.74
N ALA B 364 12.56 32.68 16.29
CA ALA B 364 11.61 33.43 17.06
C ALA B 364 12.31 34.11 18.23
N LEU B 365 13.23 33.43 18.92
CA LEU B 365 13.82 34.01 20.12
C LEU B 365 14.80 35.13 19.81
N GLU B 366 15.49 35.03 18.70
CA GLU B 366 16.40 36.09 18.27
C GLU B 366 15.59 37.31 17.85
N ASN B 367 14.52 37.12 17.09
CA ASN B 367 13.61 38.22 16.80
C ASN B 367 13.12 38.97 18.06
N ILE B 368 12.64 38.21 19.05
CA ILE B 368 12.24 38.78 20.33
C ILE B 368 13.36 39.54 21.06
N LEU B 369 14.59 39.04 20.96
CA LEU B 369 15.75 39.67 21.57
C LEU B 369 16.18 40.93 20.84
N LYS B 370 16.22 40.89 19.51
CA LYS B 370 16.49 42.05 18.67
C LYS B 370 15.58 43.23 18.99
N MET B 371 14.30 42.94 19.15
CA MET B 371 13.34 43.99 19.39
C MET B 371 13.50 44.44 20.82
N GLY B 372 13.73 43.53 21.74
CA GLY B 372 14.04 43.92 23.11
C GLY B 372 15.27 44.82 23.17
N GLU B 373 16.23 44.60 22.27
CA GLU B 373 17.49 45.31 22.23
C GLU B 373 17.37 46.71 21.58
N ALA B 374 16.60 46.80 20.49
CA ALA B 374 16.31 48.07 19.83
C ALA B 374 15.43 48.92 20.72
N ASP B 375 14.65 48.27 21.56
CA ASP B 375 13.78 48.96 22.48
C ASP B 375 14.61 49.71 23.51
N LYS B 376 15.65 49.06 24.04
CA LYS B 376 16.45 49.65 25.09
C LYS B 376 17.49 50.66 24.58
N GLU B 377 17.92 50.50 23.33
CA GLU B 377 18.87 51.43 22.73
C GLU B 377 18.09 52.70 22.39
N ALA B 378 16.87 52.52 21.93
CA ALA B 378 16.04 53.61 21.43
C ALA B 378 15.73 54.54 22.58
N ARG B 379 15.58 53.96 23.77
CA ARG B 379 15.33 54.77 24.96
C ARG B 379 16.33 54.51 26.10
N GLY B 380 17.61 54.44 25.74
CA GLY B 380 18.74 54.52 26.66
C GLY B 380 18.75 53.76 27.96
N LEU B 381 18.19 52.55 27.98
CA LEU B 381 18.21 51.69 29.15
C LEU B 381 19.47 50.81 29.17
N ASN B 382 19.72 50.15 30.30
CA ASN B 382 20.90 49.28 30.41
C ASN B 382 20.62 47.75 30.34
N ILE B 383 19.37 47.39 30.07
CA ILE B 383 18.92 46.02 30.13
C ILE B 383 18.01 45.69 28.93
N ASN B 384 18.24 44.54 28.33
CA ASN B 384 17.28 43.96 27.39
C ASN B 384 16.21 43.22 28.20
N GLU B 385 15.02 43.81 28.34
CA GLU B 385 13.95 43.19 29.10
C GLU B 385 13.58 41.78 28.62
N ASN B 386 13.73 41.57 27.32
CA ASN B 386 13.34 40.30 26.74
C ASN B 386 14.38 39.23 26.99
N ALA B 387 15.64 39.59 26.86
CA ALA B 387 16.72 38.74 27.36
C ALA B 387 16.53 38.28 28.81
N ASP B 388 16.01 39.14 29.67
CA ASP B 388 15.91 38.84 31.09
C ASP B 388 14.74 37.89 31.33
N PHE B 389 13.69 38.06 30.55
CA PHE B 389 12.58 37.11 30.56
C PHE B 389 13.08 35.74 30.14
N ILE B 390 13.94 35.72 29.12
CA ILE B 390 14.43 34.47 28.59
C ILE B 390 15.31 33.78 29.63
N GLU B 391 16.11 34.57 30.35
CA GLU B 391 17.02 34.05 31.39
C GLU B 391 16.26 33.47 32.56
N LYS B 392 15.26 34.21 33.03
CA LYS B 392 14.47 33.78 34.18
C LYS B 392 13.58 32.56 33.90
N ALA B 393 13.39 32.24 32.63
CA ALA B 393 12.55 31.11 32.25
C ALA B 393 13.41 29.89 31.93
N GLY B 394 14.71 30.00 32.20
CA GLY B 394 15.65 28.92 31.99
C GLY B 394 15.93 28.65 30.52
N GLY B 395 15.79 29.68 29.69
CA GLY B 395 15.99 29.58 28.25
C GLY B 395 17.39 29.95 27.82
N MET B 396 18.13 30.61 28.70
CA MET B 396 19.57 30.82 28.46
C MET B 396 20.31 29.49 28.47
N GLU B 397 20.12 28.72 29.53
CA GLU B 397 20.69 27.39 29.62
C GLU B 397 20.28 26.62 28.37
N LYS B 398 18.99 26.60 28.02
CA LYS B 398 18.55 25.84 26.85
C LYS B 398 19.15 26.29 25.50
N ILE B 399 19.28 27.59 25.27
CA ILE B 399 19.95 28.07 24.06
C ILE B 399 21.44 27.73 24.09
N PHE B 400 22.04 27.82 25.28
CA PHE B 400 23.46 27.50 25.44
C PHE B 400 23.72 26.07 25.08
N ASN B 401 22.79 25.16 25.43
CA ASN B 401 22.91 23.73 25.14
C ASN B 401 22.77 23.40 23.67
N CYS B 402 22.03 24.23 22.94
CA CYS B 402 21.97 24.08 21.49
C CYS B 402 23.30 24.18 20.83
N GLN B 403 24.35 24.66 21.50
CA GLN B 403 25.64 24.72 20.79
C GLN B 403 26.27 23.32 20.74
N GLN B 404 25.63 22.37 21.41
CA GLN B 404 26.04 20.96 21.40
C GLN B 404 25.34 20.16 20.29
N ASN B 405 24.56 20.85 19.45
CA ASN B 405 23.75 20.24 18.40
C ASN B 405 24.64 19.94 17.19
N GLU B 406 24.34 18.86 16.51
CA GLU B 406 25.14 18.43 15.36
C GLU B 406 24.98 19.31 14.15
N ASN B 407 23.81 19.93 14.05
CA ASN B 407 23.55 20.86 12.97
C ASN B 407 24.35 22.16 13.19
N ASP B 408 25.27 22.46 12.28
CA ASP B 408 26.13 23.65 12.41
C ASP B 408 25.35 24.96 12.48
N LYS B 409 24.21 25.04 11.77
CA LYS B 409 23.38 26.25 11.70
C LYS B 409 22.70 26.49 13.05
N ILE B 410 22.28 25.43 13.73
CA ILE B 410 21.67 25.54 15.05
C ILE B 410 22.74 26.03 16.00
N TYR B 411 23.94 25.45 15.94
CA TYR B 411 25.07 25.83 16.79
C TYR B 411 25.45 27.31 16.63
N GLU B 412 25.51 27.73 15.38
CA GLU B 412 25.97 29.05 15.01
C GLU B 412 25.00 30.11 15.55
N LYS B 413 23.71 29.88 15.33
CA LYS B 413 22.65 30.79 15.74
C LYS B 413 22.59 30.89 17.25
N ALA B 414 22.75 29.76 17.94
CA ALA B 414 22.78 29.72 19.40
C ALA B 414 24.02 30.42 19.90
N TYR B 415 25.14 30.22 19.23
CA TYR B 415 26.37 30.84 19.68
C TYR B 415 26.12 32.31 19.63
N LYS B 416 25.56 32.79 18.53
CA LYS B 416 25.38 34.21 18.28
C LYS B 416 24.49 34.82 19.36
N ILE B 417 23.48 34.09 19.79
CA ILE B 417 22.50 34.59 20.75
C ILE B 417 23.12 34.76 22.13
N ILE B 418 24.03 33.86 22.46
CA ILE B 418 24.67 33.90 23.77
C ILE B 418 25.65 35.06 23.81
N GLU B 419 26.29 35.34 22.69
CA GLU B 419 27.34 36.37 22.63
C GLU B 419 26.68 37.74 22.61
N THR B 420 25.75 37.93 21.68
CA THR B 420 25.06 39.18 21.46
C THR B 420 24.21 39.60 22.67
N TYR B 421 23.35 38.74 23.19
CA TYR B 421 22.45 39.14 24.26
C TYR B 421 22.74 38.55 25.65
N PHE B 422 23.76 37.71 25.81
CA PHE B 422 24.13 37.23 27.16
C PHE B 422 25.66 37.28 27.39
N GLY B 423 26.28 38.38 26.95
CA GLY B 423 27.68 38.68 27.20
C GLY B 423 27.90 39.59 28.40
N ALA C 2 22.94 -23.38 -1.24
CA ALA C 2 22.68 -23.88 -2.62
C ALA C 2 21.18 -23.75 -3.01
N LYS C 3 20.33 -24.03 -2.02
CA LYS C 3 18.90 -23.83 -2.15
C LYS C 3 18.64 -22.33 -2.09
N ARG C 4 17.54 -21.89 -2.71
CA ARG C 4 17.18 -20.48 -2.75
C ARG C 4 15.73 -20.32 -2.33
N VAL C 5 15.52 -19.59 -1.24
CA VAL C 5 14.18 -19.17 -0.88
C VAL C 5 13.70 -18.14 -1.92
N ALA C 6 12.40 -17.94 -2.06
CA ALA C 6 11.87 -17.01 -3.05
C ALA C 6 12.17 -15.57 -2.63
N ASP C 7 12.31 -14.67 -3.60
CA ASP C 7 12.48 -13.22 -3.38
C ASP C 7 11.54 -12.62 -2.33
N ALA C 8 10.28 -13.05 -2.34
CA ALA C 8 9.24 -12.56 -1.40
C ALA C 8 8.18 -13.65 -1.31
N GLN C 9 7.36 -13.64 -0.26
CA GLN C 9 6.26 -14.61 -0.14
C GLN C 9 5.10 -14.08 -0.95
N ILE C 10 4.68 -14.78 -2.02
CA ILE C 10 3.55 -14.28 -2.81
C ILE C 10 2.29 -14.59 -2.02
N GLN C 11 1.23 -13.83 -2.29
CA GLN C 11 -0.01 -13.90 -1.50
C GLN C 11 -1.22 -13.63 -2.36
N ARG C 12 -2.37 -14.13 -1.92
CA ARG C 12 -3.58 -14.14 -2.76
C ARG C 12 -4.05 -12.76 -3.23
N GLU C 13 -3.94 -11.79 -2.33
CA GLU C 13 -4.46 -10.45 -2.51
C GLU C 13 -3.66 -9.63 -3.50
N THR C 14 -2.34 -9.77 -3.47
CA THR C 14 -1.43 -8.94 -4.27
C THR C 14 -0.88 -9.64 -5.52
N TYR C 15 -0.69 -10.96 -5.48
CA TYR C 15 -0.25 -11.67 -6.68
C TYR C 15 -1.15 -11.42 -7.89
N ASP C 16 -0.50 -11.07 -8.97
CA ASP C 16 -1.09 -10.89 -10.28
C ASP C 16 -0.17 -11.72 -11.20
N SER C 17 -0.72 -12.58 -12.04
CA SER C 17 0.13 -13.29 -13.00
C SER C 17 0.00 -12.81 -14.47
N ASN C 18 -1.01 -11.99 -14.77
CA ASN C 18 -1.35 -11.55 -16.14
C ASN C 18 -1.75 -10.07 -16.23
N THR C 28 23.70 -1.29 -13.62
CA THR C 28 24.83 -1.86 -12.90
C THR C 28 26.11 -1.19 -13.32
N LYS C 29 27.12 -1.24 -12.43
CA LYS C 29 28.34 -0.45 -12.58
C LYS C 29 29.52 -1.26 -13.13
N VAL C 30 30.22 -0.60 -14.05
CA VAL C 30 31.51 -1.01 -14.62
C VAL C 30 32.59 -0.81 -13.54
N ALA C 31 33.86 -1.02 -13.84
CA ALA C 31 34.93 -0.72 -12.87
C ALA C 31 35.54 0.69 -13.06
N SER C 32 36.35 1.11 -12.10
CA SER C 32 36.62 2.54 -11.92
C SER C 32 37.52 3.19 -12.99
N SER C 33 38.68 2.58 -13.24
CA SER C 33 39.87 3.30 -13.71
C SER C 33 41.06 3.32 -12.76
N ALA C 34 40.71 3.59 -11.50
CA ALA C 34 41.49 3.19 -10.32
C ALA C 34 41.79 1.70 -10.44
N VAL C 35 40.72 0.90 -10.47
CA VAL C 35 40.82 -0.57 -10.39
C VAL C 35 40.85 -1.21 -11.78
N MET C 36 41.29 -0.51 -12.83
CA MET C 36 41.41 -1.13 -14.16
C MET C 36 42.80 -1.09 -14.83
N ASN C 37 43.68 -0.17 -14.38
CA ASN C 37 45.12 -0.29 -14.57
C ASN C 37 45.79 -1.09 -13.42
N ARG C 38 45.17 -1.09 -12.24
CA ARG C 38 45.65 -1.91 -11.12
C ARG C 38 45.13 -3.37 -11.14
N ARG C 39 44.77 -3.86 -12.31
CA ARG C 39 44.21 -5.20 -12.43
C ARG C 39 44.75 -5.88 -13.67
N LYS C 40 44.84 -7.20 -13.58
CA LYS C 40 45.57 -8.01 -14.56
C LYS C 40 44.59 -8.65 -15.58
N ILE C 41 44.47 -8.05 -16.78
CA ILE C 41 43.50 -8.47 -17.80
C ILE C 41 44.11 -9.49 -18.78
N ALA C 42 43.78 -10.76 -18.57
CA ALA C 42 44.30 -11.86 -19.39
C ALA C 42 43.78 -11.78 -20.83
N MET C 43 44.68 -11.85 -21.81
CA MET C 43 44.28 -11.76 -23.22
C MET C 43 44.09 -13.14 -23.85
N PRO C 44 43.03 -13.31 -24.64
CA PRO C 44 42.79 -14.58 -25.34
C PRO C 44 43.97 -15.19 -26.15
N LYS C 45 44.32 -14.66 -27.32
CA LYS C 45 45.11 -15.36 -28.36
C LYS C 45 44.28 -15.16 -29.63
N ARG C 46 43.00 -15.56 -29.54
CA ARG C 46 41.92 -15.15 -30.43
C ARG C 46 41.72 -16.13 -31.59
N ALA D 2 8.52 30.77 1.75
CA ALA D 2 7.94 31.39 2.96
C ALA D 2 6.69 30.62 3.40
N LYS D 3 5.85 30.22 2.46
CA LYS D 3 4.72 29.37 2.83
C LYS D 3 5.18 27.92 2.93
N ARG D 4 4.54 27.12 3.77
CA ARG D 4 4.83 25.69 3.90
C ARG D 4 3.65 24.84 3.48
N VAL D 5 3.81 24.17 2.35
CA VAL D 5 2.95 23.06 1.90
C VAL D 5 2.97 21.88 2.90
N ALA D 6 1.89 21.10 2.95
CA ALA D 6 1.72 20.05 3.94
C ALA D 6 2.77 18.95 3.74
N ASP D 7 3.04 18.13 4.76
CA ASP D 7 4.00 17.03 4.62
C ASP D 7 3.57 16.07 3.52
N ALA D 8 2.26 15.87 3.38
CA ALA D 8 1.72 14.97 2.37
C ALA D 8 0.29 15.39 2.04
N GLN D 9 -0.29 14.97 0.93
CA GLN D 9 -1.67 15.25 0.64
C GLN D 9 -2.50 14.25 1.39
N ILE D 10 -3.33 14.66 2.34
CA ILE D 10 -4.20 13.72 3.03
C ILE D 10 -5.36 13.33 2.15
N GLN D 11 -5.77 12.07 2.21
CA GLN D 11 -6.81 11.56 1.31
C GLN D 11 -7.89 10.75 2.03
N ARG D 12 -9.13 10.79 1.53
CA ARG D 12 -10.26 10.17 2.24
C ARG D 12 -10.00 8.71 2.64
N GLU D 13 -9.47 7.93 1.72
CA GLU D 13 -9.29 6.50 1.96
C GLU D 13 -8.27 6.20 3.04
N THR D 14 -7.18 6.94 3.11
CA THR D 14 -6.11 6.61 4.06
C THR D 14 -6.06 7.44 5.32
N TYR D 15 -6.70 8.60 5.34
CA TYR D 15 -6.68 9.44 6.54
C TYR D 15 -7.30 8.70 7.69
N ASP D 16 -6.91 9.12 8.88
CA ASP D 16 -7.33 8.48 10.11
C ASP D 16 -7.41 9.62 11.14
N SER D 17 -8.62 10.00 11.55
CA SER D 17 -8.86 10.96 12.65
C SER D 17 -7.92 10.79 13.86
N ASN D 18 -7.57 9.53 14.14
CA ASN D 18 -6.44 9.02 14.97
C ASN D 18 -6.81 8.67 16.43
N THR D 25 10.19 12.93 16.33
CA THR D 25 9.78 11.82 17.18
C THR D 25 10.96 11.23 18.00
N PRO D 26 11.99 10.68 17.35
CA PRO D 26 13.10 9.96 18.02
C PRO D 26 14.41 10.78 18.25
N SER D 27 14.93 10.71 19.48
CA SER D 27 15.84 11.72 20.09
C SER D 27 17.24 11.98 19.48
N THR D 28 17.38 13.20 18.96
CA THR D 28 18.23 13.53 17.81
C THR D 28 19.64 14.01 18.16
N LYS D 29 20.59 13.64 17.30
CA LYS D 29 21.98 13.46 17.74
C LYS D 29 22.78 14.72 18.11
N VAL D 30 23.68 14.50 19.07
CA VAL D 30 24.65 15.49 19.53
C VAL D 30 25.79 15.57 18.54
N ALA D 31 26.55 16.65 18.59
CA ALA D 31 27.75 16.76 17.76
C ALA D 31 28.86 15.78 18.16
N SER D 32 29.70 15.42 17.20
CA SER D 32 30.58 14.24 17.29
C SER D 32 31.85 14.29 18.15
N SER D 33 31.85 14.89 19.33
CA SER D 33 33.01 14.87 20.24
C SER D 33 34.28 15.42 19.57
N ALA D 34 34.82 14.75 18.55
CA ALA D 34 35.73 15.40 17.61
C ALA D 34 35.19 16.79 17.49
N VAL D 35 34.07 16.90 16.76
CA VAL D 35 33.49 18.17 16.33
C VAL D 35 32.92 18.73 17.60
N MET D 36 33.45 19.86 18.03
CA MET D 36 33.24 20.46 19.33
C MET D 36 34.63 20.86 19.82
N ASN D 37 35.59 19.92 19.85
CA ASN D 37 37.01 20.24 20.09
C ASN D 37 37.55 21.19 19.00
N ARG D 38 36.83 21.26 17.89
CA ARG D 38 36.88 22.48 17.09
C ARG D 38 35.47 23.10 17.10
N ARG D 39 35.28 24.14 17.92
CA ARG D 39 33.97 24.76 18.08
C ARG D 39 34.09 25.66 19.27
N LYS D 40 34.17 26.95 18.98
CA LYS D 40 34.16 27.94 20.06
C LYS D 40 32.82 27.90 20.79
N ILE D 41 32.84 27.72 22.11
CA ILE D 41 31.64 27.79 22.96
C ILE D 41 31.43 29.17 23.62
N ALA D 42 30.33 29.83 23.26
CA ALA D 42 29.94 31.07 23.91
C ALA D 42 29.54 30.80 25.37
N MET D 43 30.15 31.52 26.31
CA MET D 43 29.80 31.33 27.72
C MET D 43 28.88 32.47 28.12
N PRO D 44 27.79 32.19 28.85
CA PRO D 44 26.88 33.22 29.35
C PRO D 44 27.40 34.22 30.40
N LYS D 45 27.15 34.07 31.70
CA LYS D 45 27.67 35.10 32.60
C LYS D 45 28.17 34.70 34.02
N ARG D 46 27.30 34.40 34.98
CA ARG D 46 25.90 34.00 34.77
C ARG D 46 25.10 34.87 35.77
#